data_4AXH
#
_entry.id   4AXH
#
_cell.length_a   141.980
_cell.length_b   141.980
_cell.length_c   119.680
_cell.angle_alpha   90.00
_cell.angle_beta   90.00
_cell.angle_gamma   120.00
#
_symmetry.space_group_name_H-M   'P 31 2 1'
#
loop_
_entity.id
_entity.type
_entity.pdbx_description
1 polymer SEC-ALKYLSULFATASE
2 non-polymer 'ZINC ION'
3 non-polymer 'SULFATE ION'
4 water water
#
_entity_poly.entity_id   1
_entity_poly.type   'polypeptide(L)'
_entity_poly.pdbx_seq_one_letter_code
;MSRFIRASQRRTLLATLIAATLAQPLLAAESLDSKPASAITAAKNAEVLKNLPFADREEFEAAKRGLIAPFSGQIKNAEG
QVVWDMGAYQFLNDKDAADTVNPSLWRQAQLNNIAGLFEVMPKLYQVRGLDPANMTIIEGDSGLVLIDTLTTAETARAAL
DLYFQHRPKKPIVAVVYSHSHIDHFGGARGIIDEADVKAGKVKVFAPSGFMEHAVSENILAGTAMARRGQYQSGVMVPRG
AQAQVDSGLFKTTATNATNTLVAPNVLIEKPYERHTVDGVELEFQLTLGSEAPSDMNIYLPQFKVLNTADNAPPAMHNLL
TPRGAEVRDAKAWAGYIDASLEKYGDRTDVLIQQHNWPVWGGDKVRTYLADQRDMYAFLNNRALNLMNKGLTLHEIAAEV
SKLPGELDRKWYLRSYYGALSTNLRAVYQRYLGFYDGNPANLDPFPPVEAGKRYVEAMGGADAVLKQMRAAIDKGDYRWA
VQLGNHLVFADPANKDARALQADAMEQLGYQTENALWRNMYMTGAMELRHGVPTYDSRGKSEMGRALTPDMFFDLLAIRL
DTDKAVGHDMTLNWVFEDLKQDIALTLRNGVLTQRVGSLNPKADVTVKLTKPTLDQIAARKLDLPTAIKQGTVKLDGDGK
KLGEFFGLLDSFSPKFNIVELEHHHHHH
;
_entity_poly.pdbx_strand_id   A,B
#
loop_
_chem_comp.id
_chem_comp.type
_chem_comp.name
_chem_comp.formula
SO4 non-polymer 'SULFATE ION' 'O4 S -2'
ZN non-polymer 'ZINC ION' 'Zn 2'
#
# COMPACT_ATOMS: atom_id res chain seq x y z
N GLU A 30 29.08 22.23 17.67
CA GLU A 30 30.17 22.09 16.67
C GLU A 30 30.97 20.75 16.75
N SER A 31 31.02 20.09 17.95
CA SER A 31 31.73 18.81 18.20
C SER A 31 31.09 17.62 17.45
N LEU A 32 31.93 16.68 17.01
CA LEU A 32 31.51 15.52 16.22
C LEU A 32 31.56 14.18 16.96
N ASP A 33 31.99 14.20 18.23
CA ASP A 33 32.12 13.00 19.05
C ASP A 33 30.76 12.53 19.58
N SER A 34 30.63 11.21 19.89
CA SER A 34 29.41 10.61 20.43
C SER A 34 29.10 11.12 21.86
N LYS A 35 28.25 12.17 21.94
CA LYS A 35 27.83 12.84 23.19
C LYS A 35 27.15 11.85 24.16
N PRO A 36 27.36 11.96 25.49
CA PRO A 36 26.71 11.02 26.41
C PRO A 36 25.23 11.39 26.66
N ALA A 37 24.60 10.68 27.60
CA ALA A 37 23.20 10.92 27.94
C ALA A 37 23.04 12.29 28.60
N SER A 38 22.09 13.08 28.08
CA SER A 38 21.81 14.38 28.66
C SER A 38 21.04 14.16 29.99
N ALA A 39 20.88 15.22 30.79
CA ALA A 39 20.19 15.12 32.08
C ALA A 39 18.77 14.59 31.89
N ILE A 40 18.11 15.07 30.82
CA ILE A 40 16.73 14.79 30.45
C ILE A 40 16.55 13.34 29.97
N THR A 41 17.42 12.89 29.04
CA THR A 41 17.47 11.55 28.46
C THR A 41 17.64 10.55 29.57
N ALA A 42 18.64 10.74 30.44
CA ALA A 42 18.90 9.85 31.56
C ALA A 42 17.69 9.72 32.52
N ALA A 43 17.00 10.84 32.81
CA ALA A 43 15.79 10.88 33.64
C ALA A 43 14.64 10.13 32.96
N LYS A 44 14.41 10.38 31.66
CA LYS A 44 13.38 9.75 30.84
C LYS A 44 13.54 8.21 30.81
N ASN A 45 14.79 7.70 30.75
CA ASN A 45 15.07 6.27 30.74
C ASN A 45 14.83 5.65 32.10
N ALA A 46 15.29 6.30 33.17
CA ALA A 46 15.07 5.85 34.54
C ALA A 46 13.55 5.77 34.85
N GLU A 47 12.73 6.65 34.19
CA GLU A 47 11.28 6.65 34.36
CA GLU A 47 11.27 6.68 34.31
C GLU A 47 10.68 5.35 33.81
N VAL A 48 11.25 4.77 32.74
CA VAL A 48 10.84 3.49 32.12
C VAL A 48 10.95 2.34 33.13
N LEU A 49 11.95 2.38 34.05
CA LEU A 49 12.17 1.37 35.11
C LEU A 49 10.89 1.03 35.87
N LYS A 50 10.09 2.05 36.19
CA LYS A 50 8.75 1.92 36.81
C LYS A 50 7.77 2.03 35.65
N ASN A 51 6.51 1.73 35.84
CA ASN A 51 5.52 1.74 34.73
C ASN A 51 5.70 0.68 33.56
N LEU A 52 6.71 -0.19 33.66
CA LEU A 52 6.96 -1.32 32.74
C LEU A 52 7.34 -2.58 33.58
N PRO A 53 6.99 -3.83 33.20
CA PRO A 53 7.24 -4.99 34.10
C PRO A 53 8.56 -5.12 34.87
N PHE A 54 9.65 -5.54 34.22
CA PHE A 54 10.99 -5.73 34.80
C PHE A 54 11.05 -6.75 35.92
N ALA A 55 10.00 -6.85 36.73
CA ALA A 55 9.83 -7.82 37.81
C ALA A 55 9.32 -9.15 37.23
N ASP A 56 8.89 -9.13 35.95
CA ASP A 56 8.49 -10.34 35.22
C ASP A 56 9.71 -10.80 34.42
N ARG A 57 10.24 -11.96 34.79
CA ARG A 57 11.43 -12.53 34.16
C ARG A 57 11.09 -13.79 33.38
N GLU A 58 9.78 -14.04 33.13
CA GLU A 58 9.24 -15.17 32.37
C GLU A 58 10.00 -15.37 31.04
N GLU A 59 10.33 -14.27 30.33
CA GLU A 59 11.04 -14.35 29.07
C GLU A 59 12.48 -14.84 29.24
N PHE A 60 13.20 -14.38 30.31
CA PHE A 60 14.55 -14.83 30.65
C PHE A 60 14.55 -16.30 30.96
N GLU A 61 13.49 -16.80 31.65
CA GLU A 61 13.34 -18.21 31.98
CA GLU A 61 13.41 -18.21 31.95
C GLU A 61 13.08 -18.99 30.69
N ALA A 62 12.21 -18.45 29.80
CA ALA A 62 11.87 -19.12 28.54
C ALA A 62 13.05 -19.11 27.52
N ALA A 63 13.95 -18.16 27.62
CA ALA A 63 15.08 -18.13 26.72
C ALA A 63 16.20 -19.07 27.20
N LYS A 64 16.50 -19.10 28.52
CA LYS A 64 17.59 -19.90 29.10
C LYS A 64 17.26 -21.38 29.22
N ARG A 65 15.96 -21.73 29.10
CA ARG A 65 15.44 -23.08 29.20
C ARG A 65 15.82 -23.90 28.01
N GLY A 66 16.33 -25.09 28.29
CA GLY A 66 16.74 -26.03 27.26
C GLY A 66 18.16 -25.86 26.75
N LEU A 67 18.88 -24.84 27.24
CA LEU A 67 20.26 -24.53 26.83
C LEU A 67 21.16 -25.71 27.07
N ILE A 68 21.62 -26.30 25.95
CA ILE A 68 22.52 -27.44 25.90
C ILE A 68 23.95 -26.92 25.75
N ALA A 69 24.17 -25.99 24.80
CA ALA A 69 25.47 -25.42 24.48
C ALA A 69 25.37 -23.97 24.11
N PRO A 70 26.02 -23.06 24.87
CA PRO A 70 25.97 -21.64 24.50
C PRO A 70 26.85 -21.31 23.30
N PHE A 71 26.65 -20.12 22.75
CA PHE A 71 27.44 -19.61 21.64
C PHE A 71 27.73 -18.17 21.97
N SER A 72 29.01 -17.80 21.97
CA SER A 72 29.44 -16.42 22.29
C SER A 72 30.56 -15.91 21.37
N GLY A 73 30.97 -16.75 20.42
CA GLY A 73 32.07 -16.47 19.51
C GLY A 73 31.73 -15.88 18.17
N GLN A 74 32.64 -16.10 17.21
CA GLN A 74 32.53 -15.60 15.86
C GLN A 74 32.33 -16.73 14.85
N ILE A 75 31.73 -16.38 13.71
CA ILE A 75 31.55 -17.22 12.54
C ILE A 75 32.25 -16.41 11.44
N LYS A 76 33.18 -17.06 10.73
CA LYS A 76 33.94 -16.42 9.65
C LYS A 76 33.55 -16.96 8.28
N ASN A 77 33.84 -16.14 7.24
CA ASN A 77 33.63 -16.42 5.82
CA ASN A 77 33.57 -16.54 5.86
C ASN A 77 34.81 -17.30 5.33
N ALA A 78 34.81 -17.73 4.03
CA ALA A 78 35.93 -18.47 3.44
C ALA A 78 37.21 -17.63 3.46
N GLU A 79 37.08 -16.34 3.19
CA GLU A 79 38.21 -15.39 3.19
C GLU A 79 38.72 -15.01 4.62
N GLY A 80 38.16 -15.66 5.66
CA GLY A 80 38.51 -15.44 7.07
C GLY A 80 37.87 -14.24 7.74
N GLN A 81 37.06 -13.42 6.97
CA GLN A 81 36.37 -12.23 7.49
C GLN A 81 35.16 -12.63 8.36
N VAL A 82 34.89 -11.84 9.42
CA VAL A 82 33.81 -12.06 10.39
C VAL A 82 32.44 -11.86 9.73
N VAL A 83 31.57 -12.87 9.89
CA VAL A 83 30.21 -12.94 9.36
C VAL A 83 29.21 -12.63 10.48
N TRP A 84 29.44 -13.22 11.68
CA TRP A 84 28.59 -13.13 12.85
C TRP A 84 29.45 -13.10 14.08
N ASP A 85 29.29 -12.06 14.92
CA ASP A 85 30.05 -11.86 16.16
C ASP A 85 29.11 -11.56 17.31
N MET A 86 29.03 -12.49 18.26
CA MET A 86 28.21 -12.38 19.47
C MET A 86 29.01 -11.73 20.62
N GLY A 87 30.34 -11.89 20.58
CA GLY A 87 31.28 -11.32 21.53
C GLY A 87 31.25 -9.80 21.59
N ALA A 88 30.74 -9.14 20.53
CA ALA A 88 30.64 -7.69 20.48
C ALA A 88 29.55 -7.13 21.42
N TYR A 89 28.55 -7.97 21.80
CA TYR A 89 27.44 -7.60 22.67
C TYR A 89 27.64 -7.99 24.15
N GLN A 90 28.90 -8.18 24.58
CA GLN A 90 29.29 -8.55 25.94
C GLN A 90 28.84 -7.53 27.01
N PHE A 91 28.86 -6.23 26.68
CA PHE A 91 28.43 -5.12 27.55
C PHE A 91 27.00 -5.27 28.09
N LEU A 92 26.17 -6.10 27.42
CA LEU A 92 24.78 -6.33 27.79
C LEU A 92 24.59 -7.36 28.86
N ASN A 93 25.47 -8.35 28.91
CA ASN A 93 25.37 -9.49 29.80
C ASN A 93 25.40 -9.29 31.30
N ASP A 94 24.30 -9.77 31.95
CA ASP A 94 24.05 -9.79 33.40
C ASP A 94 24.41 -8.46 34.08
N LYS A 95 23.81 -7.38 33.54
CA LYS A 95 23.95 -5.98 33.92
C LYS A 95 22.60 -5.29 33.63
N ASP A 96 22.40 -4.05 34.13
CA ASP A 96 21.17 -3.26 33.92
C ASP A 96 21.50 -2.15 32.95
N ALA A 97 20.49 -1.54 32.37
CA ALA A 97 20.65 -0.52 31.34
C ALA A 97 21.51 0.70 31.66
N ALA A 98 22.26 1.14 30.63
CA ALA A 98 23.05 2.36 30.65
C ALA A 98 22.05 3.52 30.47
N ASP A 99 22.45 4.76 30.83
CA ASP A 99 21.61 5.97 30.71
C ASP A 99 21.36 6.29 29.23
N THR A 100 22.27 5.81 28.34
CA THR A 100 22.28 5.99 26.88
C THR A 100 21.45 4.92 26.12
N VAL A 101 20.75 4.02 26.82
CA VAL A 101 19.86 3.05 26.19
C VAL A 101 18.60 2.76 27.02
N ASN A 102 17.42 2.93 26.36
CA ASN A 102 16.10 2.67 26.90
C ASN A 102 16.08 1.32 27.58
N PRO A 103 15.62 1.24 28.85
CA PRO A 103 15.67 -0.02 29.60
C PRO A 103 14.91 -1.18 29.01
N SER A 104 13.77 -0.92 28.30
CA SER A 104 12.96 -1.94 27.63
CA SER A 104 13.01 -2.00 27.66
C SER A 104 13.73 -2.53 26.44
N LEU A 105 14.43 -1.68 25.66
CA LEU A 105 15.25 -2.07 24.51
C LEU A 105 16.41 -2.98 25.01
N TRP A 106 17.04 -2.57 26.13
CA TRP A 106 18.12 -3.29 26.79
CA TRP A 106 18.12 -3.31 26.80
C TRP A 106 17.65 -4.69 27.26
N ARG A 107 16.41 -4.80 27.72
CA ARG A 107 15.78 -6.02 28.20
C ARG A 107 15.73 -7.00 27.02
N GLN A 108 15.25 -6.52 25.83
CA GLN A 108 15.13 -7.31 24.60
C GLN A 108 16.51 -7.66 24.08
N ALA A 109 17.45 -6.70 24.17
CA ALA A 109 18.85 -6.87 23.77
C ALA A 109 19.46 -8.02 24.53
N GLN A 110 19.23 -8.09 25.85
CA GLN A 110 19.72 -9.12 26.76
C GLN A 110 19.16 -10.47 26.45
N LEU A 111 17.88 -10.53 26.09
CA LEU A 111 17.21 -11.78 25.74
C LEU A 111 17.81 -12.34 24.45
N ASN A 112 18.02 -11.48 23.47
CA ASN A 112 18.56 -11.80 22.15
C ASN A 112 20.03 -12.25 22.18
N ASN A 113 20.65 -12.16 23.36
CA ASN A 113 22.02 -12.58 23.64
C ASN A 113 22.06 -14.04 24.01
N ILE A 114 20.90 -14.60 24.46
CA ILE A 114 20.80 -16.02 24.83
C ILE A 114 20.88 -16.86 23.55
N ALA A 115 22.14 -17.14 23.13
CA ALA A 115 22.48 -17.85 21.89
C ALA A 115 23.00 -19.26 22.11
N GLY A 116 22.78 -20.12 21.11
CA GLY A 116 23.26 -21.49 21.15
C GLY A 116 22.29 -22.57 20.70
N LEU A 117 22.54 -23.80 21.21
CA LEU A 117 21.72 -24.98 20.91
C LEU A 117 20.82 -25.20 22.08
N PHE A 118 19.54 -25.48 21.83
CA PHE A 118 18.54 -25.64 22.87
C PHE A 118 17.60 -26.79 22.60
N GLU A 119 17.31 -27.61 23.62
CA GLU A 119 16.29 -28.67 23.51
C GLU A 119 14.93 -28.05 23.82
N VAL A 120 13.91 -28.35 23.01
CA VAL A 120 12.55 -27.89 23.24
C VAL A 120 11.83 -29.07 23.89
N MET A 121 12.03 -30.23 23.31
CA MET A 121 11.50 -31.54 23.71
C MET A 121 12.53 -32.59 23.23
N PRO A 122 12.58 -33.84 23.76
CA PRO A 122 13.53 -34.82 23.20
C PRO A 122 13.20 -35.03 21.72
N LYS A 123 14.27 -35.11 20.83
CA LYS A 123 14.17 -35.25 19.35
C LYS A 123 13.82 -33.88 18.67
N LEU A 124 13.78 -32.77 19.45
CA LEU A 124 13.40 -31.43 18.95
C LEU A 124 14.27 -30.33 19.55
N TYR A 125 15.15 -29.79 18.70
CA TYR A 125 16.12 -28.78 19.08
C TYR A 125 16.00 -27.50 18.23
N GLN A 126 16.71 -26.45 18.68
CA GLN A 126 16.68 -25.19 18.00
C GLN A 126 18.03 -24.51 18.15
N VAL A 127 18.51 -23.90 17.06
CA VAL A 127 19.73 -23.11 17.07
C VAL A 127 19.26 -21.68 16.91
N ARG A 128 19.55 -20.89 17.94
CA ARG A 128 19.17 -19.49 18.01
C ARG A 128 20.41 -18.64 18.27
N GLY A 129 20.42 -17.42 17.74
CA GLY A 129 21.51 -16.48 17.97
C GLY A 129 22.78 -16.68 17.20
N LEU A 130 22.76 -17.55 16.19
CA LEU A 130 23.94 -17.76 15.36
C LEU A 130 23.68 -17.10 14.01
N ASP A 131 22.60 -16.26 13.92
CA ASP A 131 22.07 -15.61 12.70
C ASP A 131 20.85 -14.75 13.09
N PRO A 132 20.41 -13.78 12.23
CA PRO A 132 19.15 -13.09 12.50
C PRO A 132 17.95 -14.04 12.78
N ALA A 133 17.92 -15.21 12.15
CA ALA A 133 16.83 -16.18 12.33
C ALA A 133 17.25 -17.45 13.10
N ASN A 134 16.31 -18.37 13.31
CA ASN A 134 16.50 -19.65 14.00
C ASN A 134 16.33 -20.80 13.04
N MET A 135 16.96 -21.94 13.40
CA MET A 135 16.87 -23.21 12.68
C MET A 135 16.25 -24.22 13.65
N THR A 136 15.13 -24.81 13.27
CA THR A 136 14.50 -25.85 14.07
C THR A 136 15.00 -27.22 13.55
N ILE A 137 15.56 -28.05 14.44
CA ILE A 137 16.05 -29.37 14.07
C ILE A 137 15.20 -30.47 14.69
N ILE A 138 14.41 -31.17 13.86
CA ILE A 138 13.57 -32.29 14.28
C ILE A 138 14.36 -33.55 13.97
N GLU A 139 14.48 -34.45 14.96
CA GLU A 139 15.19 -35.71 14.76
C GLU A 139 14.54 -36.68 13.76
N GLY A 140 13.73 -37.62 14.22
CA GLY A 140 13.11 -38.52 13.25
C GLY A 140 13.87 -39.81 13.05
N ASP A 141 13.22 -40.76 12.33
CA ASP A 141 13.68 -42.13 12.07
C ASP A 141 15.14 -42.32 11.66
N SER A 142 15.53 -41.88 10.45
CA SER A 142 16.88 -42.04 9.92
C SER A 142 17.78 -40.80 9.97
N GLY A 143 17.29 -39.68 9.42
CA GLY A 143 18.04 -38.44 9.36
C GLY A 143 17.45 -37.32 10.16
N LEU A 144 17.47 -36.10 9.59
CA LEU A 144 17.00 -34.85 10.21
C LEU A 144 16.01 -34.11 9.34
N VAL A 145 15.00 -33.53 9.98
CA VAL A 145 14.03 -32.67 9.31
C VAL A 145 14.22 -31.30 9.86
N LEU A 146 14.56 -30.39 8.96
CA LEU A 146 14.88 -29.01 9.29
C LEU A 146 13.79 -28.06 8.90
N ILE A 147 13.53 -27.10 9.76
CA ILE A 147 12.62 -26.02 9.42
C ILE A 147 13.47 -24.77 9.42
N ASP A 148 13.72 -24.27 8.19
CA ASP A 148 14.56 -23.15 7.79
C ASP A 148 16.05 -23.44 7.76
N THR A 149 16.78 -22.62 6.97
CA THR A 149 18.21 -22.82 6.73
C THR A 149 19.06 -21.56 7.01
N LEU A 150 18.55 -20.66 7.88
CA LEU A 150 19.17 -19.38 8.25
C LEU A 150 19.39 -18.45 7.00
N THR A 151 20.10 -17.32 7.19
CA THR A 151 20.33 -16.29 6.16
C THR A 151 21.48 -16.60 5.22
N THR A 152 22.57 -17.19 5.75
CA THR A 152 23.78 -17.42 5.00
C THR A 152 24.29 -18.85 5.09
N ALA A 153 25.09 -19.26 4.09
CA ALA A 153 25.66 -20.61 4.04
C ALA A 153 26.59 -20.86 5.24
N GLU A 154 27.34 -19.81 5.65
CA GLU A 154 28.30 -19.88 6.77
C GLU A 154 27.59 -20.05 8.10
N THR A 155 26.44 -19.36 8.29
CA THR A 155 25.64 -19.48 9.51
C THR A 155 24.90 -20.82 9.58
N ALA A 156 24.32 -21.25 8.44
CA ALA A 156 23.65 -22.57 8.32
C ALA A 156 24.61 -23.69 8.72
N ARG A 157 25.85 -23.62 8.21
CA ARG A 157 26.91 -24.56 8.50
C ARG A 157 27.31 -24.54 9.96
N ALA A 158 27.51 -23.35 10.53
CA ALA A 158 27.87 -23.20 11.93
C ALA A 158 26.78 -23.73 12.88
N ALA A 159 25.50 -23.44 12.60
CA ALA A 159 24.35 -23.91 13.39
C ALA A 159 24.32 -25.46 13.46
N LEU A 160 24.42 -26.09 12.27
CA LEU A 160 24.50 -27.53 12.09
C LEU A 160 25.77 -28.13 12.74
N ASP A 161 26.90 -27.39 12.74
CA ASP A 161 28.15 -27.83 13.36
C ASP A 161 28.01 -27.96 14.88
N LEU A 162 27.39 -26.91 15.51
CA LEU A 162 27.11 -26.80 16.94
C LEU A 162 26.15 -27.88 17.36
N TYR A 163 25.15 -28.19 16.52
CA TYR A 163 24.20 -29.27 16.76
C TYR A 163 24.89 -30.63 16.75
N PHE A 164 25.76 -30.88 15.75
CA PHE A 164 26.44 -32.17 15.66
C PHE A 164 27.46 -32.39 16.77
N GLN A 165 27.97 -31.29 17.38
CA GLN A 165 28.90 -31.38 18.50
C GLN A 165 28.25 -31.93 19.78
N HIS A 166 26.89 -32.01 19.82
CA HIS A 166 26.13 -32.45 21.00
C HIS A 166 25.10 -33.49 20.70
N ARG A 167 24.80 -33.68 19.41
CA ARG A 167 23.81 -34.67 18.98
C ARG A 167 24.38 -35.65 17.94
N PRO A 168 23.74 -36.82 17.70
CA PRO A 168 24.33 -37.77 16.75
C PRO A 168 24.28 -37.27 15.31
N LYS A 169 25.38 -37.52 14.61
CA LYS A 169 25.62 -37.21 13.22
CA LYS A 169 25.58 -37.16 13.21
C LYS A 169 24.74 -38.04 12.28
N LYS A 170 23.83 -37.41 11.56
CA LYS A 170 22.82 -38.04 10.69
CA LYS A 170 22.92 -38.09 10.65
C LYS A 170 22.66 -37.20 9.42
N PRO A 171 22.15 -37.73 8.28
CA PRO A 171 21.97 -36.83 7.13
C PRO A 171 20.78 -35.91 7.34
N ILE A 172 20.42 -35.14 6.31
CA ILE A 172 19.26 -34.26 6.23
C ILE A 172 18.35 -34.89 5.22
N VAL A 173 17.20 -35.39 5.68
CA VAL A 173 16.19 -36.05 4.83
C VAL A 173 15.21 -35.00 4.29
N ALA A 174 14.90 -34.01 5.11
CA ALA A 174 13.90 -33.03 4.72
C ALA A 174 14.23 -31.64 5.24
N VAL A 175 13.78 -30.64 4.47
CA VAL A 175 13.88 -29.22 4.80
C VAL A 175 12.54 -28.57 4.55
N VAL A 176 12.13 -27.63 5.43
CA VAL A 176 10.90 -26.84 5.34
C VAL A 176 11.30 -25.38 5.29
N TYR A 177 10.82 -24.66 4.28
CA TYR A 177 11.01 -23.23 4.12
C TYR A 177 9.71 -22.67 4.66
N SER A 178 9.73 -22.06 5.85
CA SER A 178 8.53 -21.50 6.47
C SER A 178 7.87 -20.44 5.56
N HIS A 179 8.69 -19.59 4.93
CA HIS A 179 8.23 -18.49 4.08
C HIS A 179 9.35 -17.97 3.14
N SER A 180 8.95 -17.10 2.20
CA SER A 180 9.82 -16.50 1.19
C SER A 180 10.77 -15.37 1.65
N HIS A 181 11.41 -15.47 2.85
CA HIS A 181 12.38 -14.46 3.29
C HIS A 181 13.79 -15.02 3.34
N ILE A 182 14.78 -14.21 2.90
CA ILE A 182 16.19 -14.61 2.82
C ILE A 182 16.79 -15.17 4.11
N ASP A 183 16.27 -14.77 5.27
CA ASP A 183 16.76 -15.26 6.56
C ASP A 183 16.22 -16.66 6.87
N HIS A 184 15.45 -17.21 5.93
CA HIS A 184 14.86 -18.53 6.11
C HIS A 184 15.29 -19.55 5.07
N PHE A 185 15.65 -19.11 3.84
CA PHE A 185 16.12 -20.01 2.78
C PHE A 185 17.60 -19.79 2.39
N GLY A 186 18.16 -18.65 2.79
CA GLY A 186 19.49 -18.16 2.43
C GLY A 186 20.68 -19.05 2.60
N GLY A 187 20.64 -19.94 3.58
CA GLY A 187 21.76 -20.84 3.87
C GLY A 187 21.58 -22.27 3.43
N ALA A 188 20.51 -22.57 2.66
CA ALA A 188 20.25 -23.91 2.13
C ALA A 188 21.46 -24.59 1.44
N ARG A 189 22.12 -23.94 0.43
CA ARG A 189 23.30 -24.49 -0.28
C ARG A 189 24.55 -24.73 0.57
N GLY A 190 24.56 -24.23 1.79
CA GLY A 190 25.69 -24.40 2.70
C GLY A 190 25.61 -25.72 3.44
N ILE A 191 24.41 -26.31 3.48
CA ILE A 191 24.19 -27.59 4.18
C ILE A 191 23.57 -28.71 3.30
N ILE A 192 22.89 -28.35 2.20
CA ILE A 192 22.32 -29.33 1.26
C ILE A 192 22.72 -29.08 -0.21
N ASP A 193 22.54 -30.11 -1.07
CA ASP A 193 22.87 -29.99 -2.50
C ASP A 193 21.63 -30.04 -3.39
N GLU A 194 21.46 -29.09 -4.37
CA GLU A 194 20.28 -29.11 -5.24
CA GLU A 194 20.33 -29.06 -5.30
C GLU A 194 20.18 -30.41 -6.00
N ALA A 195 21.31 -31.06 -6.32
CA ALA A 195 21.31 -32.38 -6.97
C ALA A 195 20.44 -33.37 -6.17
N ASP A 196 20.59 -33.40 -4.81
CA ASP A 196 19.85 -34.31 -3.92
C ASP A 196 18.36 -33.97 -3.89
N VAL A 197 18.03 -32.67 -4.01
CA VAL A 197 16.66 -32.16 -4.00
C VAL A 197 16.00 -32.65 -5.28
N LYS A 198 16.59 -32.32 -6.45
CA LYS A 198 16.08 -32.71 -7.77
C LYS A 198 15.87 -34.23 -7.89
N ALA A 199 16.72 -35.02 -7.25
CA ALA A 199 16.66 -36.49 -7.22
C ALA A 199 15.56 -37.01 -6.26
N GLY A 200 15.12 -36.17 -5.32
CA GLY A 200 14.10 -36.54 -4.35
C GLY A 200 14.66 -37.22 -3.12
N LYS A 201 16.00 -37.23 -2.96
CA LYS A 201 16.67 -37.83 -1.79
C LYS A 201 16.37 -36.98 -0.53
N VAL A 202 16.26 -35.64 -0.74
CA VAL A 202 15.96 -34.63 0.26
C VAL A 202 14.62 -33.97 -0.14
N LYS A 203 13.63 -34.00 0.78
CA LYS A 203 12.32 -33.41 0.54
C LYS A 203 12.32 -31.97 1.05
N VAL A 204 12.14 -31.01 0.15
CA VAL A 204 12.16 -29.60 0.48
C VAL A 204 10.76 -28.95 0.31
N PHE A 205 10.09 -28.68 1.44
CA PHE A 205 8.72 -28.12 1.47
C PHE A 205 8.73 -26.61 1.55
N ALA A 206 7.74 -25.98 0.90
CA ALA A 206 7.58 -24.53 0.85
C ALA A 206 6.13 -24.13 0.55
N PRO A 207 5.64 -22.97 1.08
CA PRO A 207 4.25 -22.56 0.79
C PRO A 207 4.06 -22.13 -0.65
N SER A 208 2.80 -22.16 -1.14
CA SER A 208 2.39 -21.78 -2.48
C SER A 208 2.99 -20.43 -2.89
N GLY A 209 3.55 -20.40 -4.11
CA GLY A 209 4.10 -19.19 -4.71
C GLY A 209 5.48 -18.74 -4.26
N PHE A 210 6.22 -19.64 -3.57
CA PHE A 210 7.54 -19.40 -3.01
C PHE A 210 8.55 -18.82 -4.01
N MET A 211 8.85 -19.58 -5.08
CA MET A 211 9.83 -19.18 -6.11
C MET A 211 9.56 -17.80 -6.70
N GLU A 212 8.31 -17.53 -7.12
CA GLU A 212 7.87 -16.23 -7.65
C GLU A 212 8.20 -15.12 -6.67
N HIS A 213 7.99 -15.35 -5.36
CA HIS A 213 8.21 -14.35 -4.33
C HIS A 213 9.62 -14.24 -3.80
N ALA A 214 10.28 -15.37 -3.54
CA ALA A 214 11.66 -15.37 -3.06
C ALA A 214 12.55 -14.53 -4.03
N VAL A 215 12.29 -14.61 -5.36
CA VAL A 215 13.07 -13.89 -6.38
C VAL A 215 12.58 -12.45 -6.71
N SER A 216 11.25 -12.20 -6.71
CA SER A 216 10.64 -10.90 -7.07
C SER A 216 10.68 -9.79 -6.01
N GLU A 217 10.30 -10.10 -4.76
CA GLU A 217 10.30 -9.13 -3.67
C GLU A 217 11.74 -8.74 -3.23
N ASN A 218 12.71 -9.69 -3.41
CA ASN A 218 14.13 -9.60 -3.01
C ASN A 218 15.16 -9.16 -4.09
N ILE A 219 14.75 -9.09 -5.40
CA ILE A 219 15.65 -8.68 -6.52
C ILE A 219 15.15 -7.42 -7.36
N LEU A 220 13.85 -6.97 -7.28
CA LEU A 220 13.34 -5.77 -8.01
C LEU A 220 13.84 -4.33 -7.65
N ALA A 221 13.09 -3.46 -6.82
CA ALA A 221 13.44 -2.04 -6.42
C ALA A 221 14.62 -1.96 -5.42
N GLY A 222 15.46 -2.95 -5.63
CA GLY A 222 16.62 -3.35 -4.87
C GLY A 222 17.61 -2.32 -4.39
N THR A 223 18.13 -1.47 -5.28
CA THR A 223 19.17 -0.55 -4.88
C THR A 223 18.74 0.48 -3.85
N ALA A 224 17.46 0.90 -3.87
CA ALA A 224 16.93 1.86 -2.89
C ALA A 224 16.70 1.17 -1.57
N MET A 225 16.15 -0.04 -1.65
CA MET A 225 15.85 -0.95 -0.55
C MET A 225 17.16 -1.31 0.21
N ALA A 226 18.19 -1.72 -0.53
CA ALA A 226 19.50 -2.12 0.02
C ALA A 226 20.23 -1.04 0.79
N ARG A 227 20.13 0.19 0.31
CA ARG A 227 20.77 1.35 0.91
C ARG A 227 19.96 1.85 2.13
N ARG A 228 18.61 1.89 2.00
CA ARG A 228 17.71 2.26 3.09
C ARG A 228 17.80 1.21 4.22
N GLY A 229 18.06 -0.05 3.85
CA GLY A 229 18.23 -1.17 4.76
C GLY A 229 19.44 -1.02 5.67
N GLN A 230 20.41 -0.17 5.28
CA GLN A 230 21.62 0.09 6.07
C GLN A 230 21.30 0.85 7.35
N TYR A 231 20.26 1.70 7.25
CA TYR A 231 19.72 2.44 8.37
C TYR A 231 18.98 1.48 9.32
N GLN A 232 18.18 0.55 8.75
CA GLN A 232 17.42 -0.44 9.50
C GLN A 232 18.31 -1.38 10.32
N SER A 233 19.46 -1.76 9.74
CA SER A 233 20.47 -2.72 10.25
C SER A 233 21.43 -2.21 11.33
N GLY A 234 21.87 -0.94 11.13
CA GLY A 234 22.90 -0.30 11.92
C GLY A 234 24.24 -1.00 11.75
N VAL A 235 24.44 -1.70 10.58
CA VAL A 235 25.66 -2.47 10.22
C VAL A 235 26.93 -1.65 10.21
N MET A 236 26.86 -0.38 9.74
CA MET A 236 27.96 0.58 9.71
C MET A 236 28.20 1.26 11.09
N VAL A 237 27.28 1.07 12.03
CA VAL A 237 27.34 1.61 13.39
C VAL A 237 28.05 0.61 14.33
N PRO A 238 29.02 1.07 15.16
CA PRO A 238 29.71 0.14 16.08
C PRO A 238 28.76 -0.43 17.13
N ARG A 239 29.20 -1.45 17.88
CA ARG A 239 28.40 -2.04 18.94
C ARG A 239 28.83 -1.37 20.24
N GLY A 240 27.89 -1.22 21.16
CA GLY A 240 28.14 -0.57 22.44
C GLY A 240 26.94 0.24 22.89
N ALA A 241 26.86 0.51 24.23
CA ALA A 241 25.78 1.24 24.91
C ALA A 241 25.50 2.62 24.36
N GLN A 242 26.49 3.23 23.65
CA GLN A 242 26.37 4.55 23.01
C GLN A 242 26.05 4.43 21.52
N ALA A 243 26.06 3.20 20.96
CA ALA A 243 25.80 2.92 19.54
C ALA A 243 24.80 1.72 19.29
N GLN A 244 25.14 0.73 18.42
CA GLN A 244 24.29 -0.40 18.09
C GLN A 244 24.19 -1.41 19.23
N VAL A 245 22.97 -1.74 19.66
CA VAL A 245 22.79 -2.67 20.77
C VAL A 245 21.99 -3.94 20.43
N ASP A 246 20.99 -3.83 19.52
CA ASP A 246 20.08 -4.91 19.15
C ASP A 246 19.28 -4.55 17.92
N SER A 247 18.58 -5.55 17.33
CA SER A 247 17.73 -5.34 16.18
C SER A 247 16.29 -5.89 16.38
N GLY A 248 15.87 -5.97 17.65
CA GLY A 248 14.53 -6.37 18.04
C GLY A 248 14.31 -7.84 17.98
N LEU A 249 14.28 -8.40 16.76
CA LEU A 249 14.07 -9.83 16.57
C LEU A 249 15.36 -10.63 16.44
N PHE A 250 16.50 -9.92 16.54
CA PHE A 250 17.88 -10.44 16.47
C PHE A 250 18.85 -9.35 16.84
N LYS A 251 20.15 -9.64 16.82
CA LYS A 251 21.17 -8.65 17.17
C LYS A 251 21.44 -7.66 16.04
N THR A 252 21.73 -8.16 14.82
CA THR A 252 22.09 -7.36 13.63
C THR A 252 22.04 -8.30 12.42
N THR A 253 22.29 -7.76 11.21
CA THR A 253 22.35 -8.58 10.00
C THR A 253 23.73 -9.19 9.81
N ALA A 254 23.75 -10.35 9.15
CA ALA A 254 24.98 -11.08 8.85
C ALA A 254 25.80 -10.27 7.85
N THR A 255 27.11 -10.24 8.09
CA THR A 255 28.07 -9.49 7.30
C THR A 255 29.00 -10.38 6.45
N ASN A 256 29.42 -9.89 5.27
CA ASN A 256 30.37 -10.53 4.36
C ASN A 256 30.04 -12.02 4.07
N ALA A 257 28.76 -12.33 3.88
CA ALA A 257 28.39 -13.73 3.70
C ALA A 257 27.70 -14.10 2.38
N THR A 258 27.41 -15.39 2.21
CA THR A 258 26.81 -15.87 0.97
C THR A 258 25.33 -16.26 1.14
N ASN A 259 24.44 -15.69 0.28
CA ASN A 259 23.01 -15.99 0.27
C ASN A 259 22.70 -16.93 -0.92
N THR A 260 22.00 -18.02 -0.60
CA THR A 260 21.68 -19.09 -1.53
C THR A 260 20.18 -19.27 -1.73
N LEU A 261 19.82 -19.97 -2.81
CA LEU A 261 18.44 -20.27 -3.14
C LEU A 261 18.38 -21.67 -3.73
N VAL A 262 17.93 -22.65 -2.95
CA VAL A 262 17.74 -23.98 -3.50
C VAL A 262 16.25 -24.27 -3.67
N ALA A 263 15.82 -24.39 -4.93
CA ALA A 263 14.43 -24.62 -5.31
C ALA A 263 13.75 -25.73 -4.51
N PRO A 264 12.51 -25.49 -4.03
CA PRO A 264 11.78 -26.55 -3.29
C PRO A 264 11.35 -27.73 -4.17
N ASN A 265 11.11 -28.85 -3.51
CA ASN A 265 10.71 -30.15 -4.03
C ASN A 265 9.17 -30.19 -4.04
N VAL A 266 8.55 -30.10 -2.85
CA VAL A 266 7.11 -30.18 -2.62
C VAL A 266 6.48 -28.88 -2.12
N LEU A 267 5.49 -28.37 -2.88
CA LEU A 267 4.75 -27.14 -2.63
C LEU A 267 3.43 -27.35 -1.90
N ILE A 268 3.20 -26.60 -0.82
CA ILE A 268 1.97 -26.65 -0.03
C ILE A 268 0.96 -25.72 -0.70
N GLU A 269 -0.12 -26.31 -1.23
CA GLU A 269 -1.11 -25.56 -2.00
C GLU A 269 -2.50 -25.43 -1.39
N LYS A 270 -2.84 -26.37 -0.49
CA LYS A 270 -4.13 -26.40 0.24
C LYS A 270 -4.04 -25.57 1.55
N PRO A 271 -5.15 -24.97 2.06
CA PRO A 271 -5.07 -24.19 3.31
C PRO A 271 -4.45 -24.90 4.51
N TYR A 272 -4.54 -26.23 4.54
CA TYR A 272 -3.98 -27.14 5.54
C TYR A 272 -3.53 -28.43 4.82
N GLU A 273 -2.32 -28.88 5.09
CA GLU A 273 -1.76 -30.07 4.45
C GLU A 273 -0.97 -30.88 5.41
N ARG A 274 -1.34 -32.15 5.54
CA ARG A 274 -0.65 -33.09 6.42
CA ARG A 274 -0.65 -33.09 6.44
C ARG A 274 0.36 -33.87 5.61
N HIS A 275 1.59 -34.01 6.12
CA HIS A 275 2.68 -34.75 5.45
C HIS A 275 3.56 -35.46 6.47
N THR A 276 4.01 -36.64 6.10
CA THR A 276 4.87 -37.44 6.96
C THR A 276 6.17 -37.75 6.22
N VAL A 277 7.31 -37.53 6.90
CA VAL A 277 8.66 -37.71 6.34
C VAL A 277 9.61 -38.16 7.46
N ASP A 278 10.26 -39.32 7.29
CA ASP A 278 11.18 -39.90 8.26
C ASP A 278 10.52 -40.13 9.65
N GLY A 279 9.25 -40.53 9.62
CA GLY A 279 8.47 -40.79 10.82
C GLY A 279 8.21 -39.54 11.62
N VAL A 280 8.04 -38.40 10.92
CA VAL A 280 7.79 -37.08 11.50
C VAL A 280 6.52 -36.57 10.84
N GLU A 281 5.50 -36.29 11.66
CA GLU A 281 4.22 -35.78 11.19
C GLU A 281 4.32 -34.25 11.17
N LEU A 282 3.91 -33.67 10.04
CA LEU A 282 3.91 -32.22 9.79
C LEU A 282 2.58 -31.84 9.23
N GLU A 283 1.92 -30.87 9.89
CA GLU A 283 0.70 -30.24 9.44
C GLU A 283 1.12 -28.79 9.17
N PHE A 284 0.93 -28.36 7.94
CA PHE A 284 1.23 -27.01 7.46
C PHE A 284 -0.07 -26.23 7.31
N GLN A 285 -0.07 -24.96 7.75
CA GLN A 285 -1.21 -24.04 7.63
C GLN A 285 -0.78 -22.85 6.79
N LEU A 286 -1.33 -22.69 5.58
CA LEU A 286 -0.98 -21.57 4.73
C LEU A 286 -1.41 -20.24 5.34
N THR A 287 -0.47 -19.30 5.55
CA THR A 287 -0.75 -17.94 6.07
C THR A 287 -0.34 -16.91 5.02
N LEU A 288 -0.75 -17.13 3.77
CA LEU A 288 -0.39 -16.27 2.63
C LEU A 288 -0.80 -14.83 2.72
N GLY A 289 0.21 -13.95 2.59
CA GLY A 289 0.07 -12.51 2.58
C GLY A 289 0.21 -11.76 3.89
N SER A 290 0.39 -12.48 5.02
CA SER A 290 0.55 -11.83 6.33
C SER A 290 1.98 -11.22 6.47
N GLU A 291 2.89 -11.83 7.25
CA GLU A 291 4.27 -11.36 7.41
C GLU A 291 5.07 -11.50 6.07
N ALA A 292 4.73 -12.48 5.21
CA ALA A 292 5.37 -12.74 3.92
C ALA A 292 4.33 -13.17 2.90
N PRO A 293 4.52 -12.87 1.59
CA PRO A 293 3.53 -13.29 0.57
C PRO A 293 3.32 -14.80 0.46
N SER A 294 4.42 -15.56 0.54
CA SER A 294 4.42 -17.02 0.51
C SER A 294 4.82 -17.35 1.92
N ASP A 295 3.88 -17.87 2.72
CA ASP A 295 4.04 -18.06 4.17
C ASP A 295 3.17 -19.18 4.73
N MET A 296 3.60 -19.76 5.86
CA MET A 296 2.87 -20.82 6.53
C MET A 296 3.36 -21.11 7.94
N ASN A 297 2.52 -21.77 8.74
CA ASN A 297 2.84 -22.24 10.09
C ASN A 297 3.01 -23.76 10.01
N ILE A 298 3.72 -24.33 10.94
CA ILE A 298 3.98 -25.76 10.94
C ILE A 298 3.63 -26.32 12.31
N TYR A 299 2.62 -27.19 12.37
CA TYR A 299 2.24 -27.84 13.62
C TYR A 299 2.85 -29.24 13.62
N LEU A 300 3.27 -29.68 14.80
CA LEU A 300 3.86 -30.99 14.99
C LEU A 300 2.93 -31.80 15.87
N PRO A 301 1.97 -32.53 15.24
CA PRO A 301 1.00 -33.31 16.04
C PRO A 301 1.61 -34.29 17.03
N GLN A 302 2.74 -34.92 16.67
CA GLN A 302 3.44 -35.88 17.52
C GLN A 302 4.05 -35.23 18.76
N PHE A 303 4.50 -33.98 18.62
CA PHE A 303 5.19 -33.24 19.67
C PHE A 303 4.29 -32.29 20.46
N LYS A 304 3.08 -31.98 19.93
CA LYS A 304 2.15 -31.02 20.55
CA LYS A 304 2.15 -31.01 20.50
C LYS A 304 2.82 -29.62 20.65
N VAL A 305 3.63 -29.26 19.61
CA VAL A 305 4.36 -28.00 19.49
C VAL A 305 3.88 -27.28 18.23
N LEU A 306 3.78 -25.94 18.29
CA LEU A 306 3.35 -25.13 17.15
C LEU A 306 4.46 -24.18 16.74
N ASN A 307 4.78 -24.16 15.45
CA ASN A 307 5.78 -23.26 14.91
C ASN A 307 5.08 -22.24 13.99
N THR A 308 5.14 -20.96 14.38
CA THR A 308 4.46 -19.84 13.72
C THR A 308 5.34 -19.02 12.79
N ALA A 309 6.49 -19.58 12.34
CA ALA A 309 7.43 -18.89 11.46
C ALA A 309 7.72 -17.50 12.09
N ASP A 310 7.46 -16.39 11.34
CA ASP A 310 7.60 -14.98 11.77
C ASP A 310 6.23 -14.29 11.92
N ASN A 311 5.14 -15.12 11.97
CA ASN A 311 3.78 -14.64 12.06
C ASN A 311 3.38 -14.05 13.40
N ALA A 312 4.08 -14.43 14.48
CA ALA A 312 3.75 -13.92 15.79
C ALA A 312 4.98 -13.88 16.69
N PRO A 313 5.98 -13.04 16.38
CA PRO A 313 7.18 -13.01 17.24
C PRO A 313 7.02 -12.18 18.52
N PRO A 314 7.96 -12.29 19.49
CA PRO A 314 7.84 -11.54 20.75
C PRO A 314 8.26 -10.07 20.70
N ALA A 315 7.66 -9.34 19.74
CA ALA A 315 7.79 -7.91 19.45
C ALA A 315 6.78 -7.60 18.37
N MET A 316 6.38 -6.33 18.25
CA MET A 316 5.46 -5.92 17.20
C MET A 316 6.24 -6.03 15.90
N HIS A 317 5.63 -6.61 14.86
CA HIS A 317 6.33 -6.72 13.56
C HIS A 317 5.97 -5.50 12.70
N ASN A 318 6.53 -5.41 11.48
CA ASN A 318 6.25 -4.26 10.63
C ASN A 318 5.09 -4.48 9.68
N LEU A 319 4.28 -3.44 9.48
CA LEU A 319 3.24 -3.44 8.46
C LEU A 319 3.88 -2.76 7.23
N LEU A 320 4.90 -1.92 7.48
CA LEU A 320 5.72 -1.19 6.52
C LEU A 320 7.17 -1.21 6.98
N THR A 321 7.99 -2.13 6.41
CA THR A 321 9.41 -2.21 6.77
C THR A 321 10.20 -0.92 6.45
N PRO A 322 11.08 -0.45 7.37
CA PRO A 322 11.80 0.83 7.15
C PRO A 322 12.77 0.92 5.95
N ARG A 323 13.19 -0.23 5.41
CA ARG A 323 14.06 -0.27 4.21
C ARG A 323 13.26 0.09 2.95
N GLY A 324 11.93 -0.01 3.05
CA GLY A 324 10.95 0.24 2.00
C GLY A 324 10.39 -1.07 1.51
N ALA A 325 9.04 -1.14 1.36
CA ALA A 325 8.28 -2.31 0.85
C ALA A 325 6.82 -1.97 0.62
N GLU A 326 6.07 -2.92 0.07
CA GLU A 326 4.61 -2.77 -0.08
C GLU A 326 4.01 -3.05 1.32
N VAL A 327 2.97 -2.26 1.73
CA VAL A 327 2.26 -2.45 2.99
C VAL A 327 1.69 -3.84 3.11
N ARG A 328 1.62 -4.34 4.35
CA ARG A 328 1.05 -5.64 4.68
C ARG A 328 -0.37 -5.48 5.19
N ASP A 329 -1.15 -6.56 5.18
CA ASP A 329 -2.55 -6.55 5.63
C ASP A 329 -2.65 -7.12 7.07
N ALA A 330 -2.80 -6.18 8.04
CA ALA A 330 -2.98 -6.49 9.47
C ALA A 330 -4.24 -7.32 9.71
N LYS A 331 -5.31 -7.06 8.92
CA LYS A 331 -6.58 -7.81 9.01
C LYS A 331 -6.36 -9.30 8.70
N ALA A 332 -5.62 -9.59 7.61
CA ALA A 332 -5.34 -10.97 7.22
C ALA A 332 -4.40 -11.65 8.22
N TRP A 333 -3.40 -10.89 8.68
CA TRP A 333 -2.44 -11.32 9.68
C TRP A 333 -3.17 -11.79 10.97
N ALA A 334 -4.05 -10.92 11.55
CA ALA A 334 -4.82 -11.25 12.75
C ALA A 334 -5.70 -12.50 12.54
N GLY A 335 -6.29 -12.63 11.35
CA GLY A 335 -7.11 -13.78 10.97
C GLY A 335 -6.36 -15.11 10.94
N TYR A 336 -5.07 -15.07 10.55
CA TYR A 336 -4.22 -16.27 10.49
C TYR A 336 -3.72 -16.68 11.89
N ILE A 337 -3.49 -15.70 12.77
CA ILE A 337 -3.06 -15.94 14.14
C ILE A 337 -4.23 -16.66 14.84
N ASP A 338 -5.46 -16.10 14.68
CA ASP A 338 -6.70 -16.62 15.25
C ASP A 338 -7.03 -18.00 14.73
N ALA A 339 -6.79 -18.25 13.42
CA ALA A 339 -7.03 -19.58 12.84
C ALA A 339 -6.04 -20.59 13.41
N SER A 340 -4.82 -20.13 13.70
CA SER A 340 -3.85 -20.99 14.36
C SER A 340 -4.27 -21.23 15.84
N LEU A 341 -4.87 -20.23 16.51
CA LEU A 341 -5.34 -20.38 17.89
C LEU A 341 -6.43 -21.44 18.01
N GLU A 342 -7.44 -21.35 17.12
CA GLU A 342 -8.56 -22.27 17.09
C GLU A 342 -8.13 -23.68 16.70
N LYS A 343 -7.32 -23.84 15.64
CA LYS A 343 -6.88 -25.17 15.18
C LYS A 343 -5.86 -25.88 16.07
N TYR A 344 -4.96 -25.12 16.71
CA TYR A 344 -3.86 -25.73 17.48
C TYR A 344 -3.75 -25.36 18.94
N GLY A 345 -4.37 -24.27 19.37
CA GLY A 345 -4.33 -23.77 20.73
C GLY A 345 -4.59 -24.77 21.84
N ASP A 346 -5.60 -25.65 21.65
CA ASP A 346 -5.94 -26.69 22.63
C ASP A 346 -5.04 -27.92 22.56
N ARG A 347 -4.28 -28.08 21.42
CA ARG A 347 -3.33 -29.17 21.08
C ARG A 347 -1.85 -28.77 21.18
N THR A 348 -1.53 -27.62 21.80
CA THR A 348 -0.15 -27.15 21.86
C THR A 348 0.37 -26.86 23.23
N ASP A 349 1.54 -27.44 23.57
CA ASP A 349 2.20 -27.29 24.88
C ASP A 349 3.27 -26.23 24.86
N VAL A 350 3.98 -26.10 23.74
CA VAL A 350 5.05 -25.13 23.58
C VAL A 350 5.01 -24.59 22.20
N LEU A 351 4.98 -23.28 22.07
CA LEU A 351 5.01 -22.58 20.80
C LEU A 351 6.46 -22.24 20.46
N ILE A 352 6.91 -22.55 19.24
CA ILE A 352 8.27 -22.18 18.78
C ILE A 352 8.21 -21.23 17.58
N GLN A 353 9.29 -20.50 17.35
CA GLN A 353 9.32 -19.52 16.25
C GLN A 353 10.64 -19.54 15.51
N GLN A 354 10.72 -18.79 14.40
CA GLN A 354 11.93 -18.71 13.60
C GLN A 354 12.75 -17.44 13.89
N HIS A 355 12.33 -16.72 14.92
CA HIS A 355 13.00 -15.59 15.52
C HIS A 355 12.65 -15.72 16.95
N ASN A 356 13.64 -15.54 17.86
CA ASN A 356 13.46 -15.55 19.32
C ASN A 356 13.09 -16.87 20.00
N TRP A 357 12.79 -16.78 21.29
CA TRP A 357 12.56 -17.86 22.24
C TRP A 357 11.16 -18.48 22.18
N PRO A 358 11.01 -19.72 22.72
CA PRO A 358 9.68 -20.35 22.74
C PRO A 358 8.79 -19.90 23.91
N VAL A 359 7.48 -20.06 23.82
CA VAL A 359 6.59 -19.80 24.95
C VAL A 359 6.03 -21.15 25.40
N TRP A 360 6.21 -21.50 26.68
CA TRP A 360 5.82 -22.82 27.22
C TRP A 360 4.49 -22.84 27.96
N GLY A 361 3.79 -23.97 27.90
CA GLY A 361 2.53 -24.18 28.59
C GLY A 361 1.36 -23.69 27.79
N GLY A 362 0.40 -24.58 27.53
CA GLY A 362 -0.80 -24.34 26.75
C GLY A 362 -1.48 -23.04 27.06
N ASP A 363 -1.64 -22.73 28.36
CA ASP A 363 -2.29 -21.51 28.80
CA ASP A 363 -2.23 -21.51 28.91
C ASP A 363 -1.51 -20.24 28.42
N LYS A 364 -0.17 -20.26 28.56
CA LYS A 364 0.68 -19.13 28.18
C LYS A 364 0.74 -18.96 26.68
N VAL A 365 0.66 -20.08 25.90
CA VAL A 365 0.61 -20.06 24.44
C VAL A 365 -0.71 -19.47 23.94
N ARG A 366 -1.84 -19.88 24.55
CA ARG A 366 -3.18 -19.39 24.19
C ARG A 366 -3.36 -17.89 24.44
N THR A 367 -2.82 -17.38 25.57
CA THR A 367 -2.83 -15.96 25.92
C THR A 367 -1.95 -15.22 24.89
N TYR A 368 -0.76 -15.77 24.57
CA TYR A 368 0.20 -15.16 23.66
C TYR A 368 -0.45 -15.00 22.28
N LEU A 369 -1.00 -16.07 21.73
CA LEU A 369 -1.72 -16.03 20.44
C LEU A 369 -2.85 -15.04 20.39
N ALA A 370 -3.72 -15.05 21.40
CA ALA A 370 -4.83 -14.13 21.45
C ALA A 370 -4.38 -12.69 21.54
N ASP A 371 -3.28 -12.41 22.29
CA ASP A 371 -2.70 -11.05 22.42
C ASP A 371 -2.17 -10.58 21.06
N GLN A 372 -1.43 -11.49 20.35
CA GLN A 372 -0.85 -11.26 19.01
C GLN A 372 -1.97 -10.92 18.03
N ARG A 373 -2.98 -11.79 17.94
CA ARG A 373 -4.18 -11.61 17.11
C ARG A 373 -4.78 -10.25 17.39
N ASP A 374 -5.13 -9.97 18.65
CA ASP A 374 -5.69 -8.71 19.11
C ASP A 374 -4.83 -7.49 18.73
N MET A 375 -3.47 -7.60 18.78
CA MET A 375 -2.55 -6.50 18.46
C MET A 375 -2.67 -6.07 17.00
N TYR A 376 -2.76 -7.05 16.08
CA TYR A 376 -2.91 -6.76 14.67
C TYR A 376 -4.27 -6.26 14.30
N ALA A 377 -5.35 -6.88 14.87
CA ALA A 377 -6.72 -6.43 14.61
C ALA A 377 -6.91 -5.03 15.13
N PHE A 378 -6.26 -4.69 16.26
CA PHE A 378 -6.33 -3.35 16.82
C PHE A 378 -5.71 -2.33 15.84
N LEU A 379 -4.56 -2.66 15.29
CA LEU A 379 -3.88 -1.76 14.37
C LEU A 379 -4.78 -1.42 13.22
N ASN A 380 -5.36 -2.43 12.58
CA ASN A 380 -6.28 -2.27 11.47
C ASN A 380 -7.57 -1.51 11.91
N ASN A 381 -8.29 -2.07 12.89
CA ASN A 381 -9.57 -1.55 13.35
C ASN A 381 -9.55 -0.19 14.00
N ARG A 382 -8.55 0.11 14.86
CA ARG A 382 -8.51 1.42 15.53
C ARG A 382 -8.20 2.52 14.52
N ALA A 383 -7.23 2.26 13.61
CA ALA A 383 -6.85 3.19 12.57
C ALA A 383 -8.07 3.50 11.70
N LEU A 384 -8.77 2.44 11.18
CA LEU A 384 -9.98 2.59 10.35
C LEU A 384 -11.07 3.37 11.11
N ASN A 385 -11.16 3.16 12.44
CA ASN A 385 -12.09 3.89 13.30
C ASN A 385 -11.75 5.39 13.26
N LEU A 386 -10.50 5.74 13.62
CA LEU A 386 -10.03 7.12 13.65
C LEU A 386 -10.01 7.80 12.28
N MET A 387 -9.77 7.05 11.17
CA MET A 387 -9.80 7.56 9.79
C MET A 387 -11.24 8.07 9.51
N ASN A 388 -12.26 7.24 9.84
CA ASN A 388 -13.69 7.52 9.66
C ASN A 388 -14.21 8.67 10.52
N LYS A 389 -13.42 9.05 11.55
CA LYS A 389 -13.71 10.19 12.44
C LYS A 389 -13.02 11.44 11.89
N GLY A 390 -12.24 11.27 10.82
CA GLY A 390 -11.54 12.35 10.15
C GLY A 390 -10.11 12.61 10.56
N LEU A 391 -9.53 11.69 11.32
CA LEU A 391 -8.11 11.82 11.72
C LEU A 391 -7.17 11.48 10.57
N THR A 392 -6.06 12.21 10.48
CA THR A 392 -5.03 12.02 9.45
C THR A 392 -3.85 11.22 10.01
N LEU A 393 -3.11 10.52 9.15
CA LEU A 393 -2.00 9.62 9.52
C LEU A 393 -1.19 9.99 10.75
N HIS A 394 -0.75 11.25 10.85
CA HIS A 394 0.06 11.72 11.97
C HIS A 394 -0.72 12.01 13.22
N GLU A 395 -1.99 12.47 13.02
CA GLU A 395 -2.97 12.76 14.07
C GLU A 395 -3.24 11.42 14.78
N ILE A 396 -3.47 10.32 14.01
CA ILE A 396 -3.71 9.00 14.59
C ILE A 396 -2.48 8.44 15.33
N ALA A 397 -1.25 8.67 14.82
CA ALA A 397 -0.04 8.24 15.51
C ALA A 397 0.09 8.93 16.90
N ALA A 398 -0.29 10.21 16.99
CA ALA A 398 -0.25 11.00 18.26
C ALA A 398 -1.39 10.62 19.22
N GLU A 399 -2.56 10.29 18.67
CA GLU A 399 -3.70 9.93 19.50
C GLU A 399 -3.55 8.57 20.12
N VAL A 400 -3.03 7.57 19.38
CA VAL A 400 -2.93 6.25 19.95
C VAL A 400 -1.89 6.07 21.06
N SER A 401 -0.60 6.15 20.82
CA SER A 401 0.41 6.03 21.91
C SER A 401 0.59 4.70 22.65
N LYS A 402 -0.52 3.93 22.93
CA LYS A 402 -0.44 2.63 23.61
CA LYS A 402 -0.43 2.63 23.59
C LYS A 402 -1.40 1.59 23.06
N LEU A 403 -1.08 0.33 23.21
CA LEU A 403 -1.97 -0.77 22.83
C LEU A 403 -3.08 -0.83 23.94
N PRO A 404 -4.28 -1.35 23.64
CA PRO A 404 -5.35 -1.29 24.66
C PRO A 404 -5.31 -2.39 25.72
N GLY A 405 -5.99 -2.12 26.84
CA GLY A 405 -6.20 -3.05 27.94
C GLY A 405 -4.92 -3.62 28.47
N GLU A 406 -4.85 -4.97 28.51
CA GLU A 406 -3.69 -5.74 29.00
C GLU A 406 -2.53 -5.82 28.02
N LEU A 407 -2.77 -5.42 26.75
CA LEU A 407 -1.76 -5.42 25.67
C LEU A 407 -0.54 -4.49 25.92
N ASP A 408 -0.70 -3.42 26.71
CA ASP A 408 0.37 -2.49 27.10
C ASP A 408 1.32 -3.06 28.16
N ARG A 409 0.85 -4.09 28.92
CA ARG A 409 1.70 -4.72 29.94
C ARG A 409 2.49 -5.97 29.48
N LYS A 410 2.32 -6.42 28.22
CA LYS A 410 3.04 -7.59 27.68
C LYS A 410 4.37 -7.21 27.01
N TRP A 411 5.48 -7.89 27.43
CA TRP A 411 6.82 -7.65 26.90
C TRP A 411 6.90 -8.00 25.41
N TYR A 412 6.23 -9.08 25.02
CA TYR A 412 6.21 -9.62 23.67
C TYR A 412 5.35 -8.85 22.65
N LEU A 413 4.73 -7.73 23.08
CA LEU A 413 3.87 -6.89 22.24
C LEU A 413 4.45 -5.50 22.08
N ARG A 414 5.61 -5.21 22.71
CA ARG A 414 6.30 -3.91 22.64
C ARG A 414 6.81 -3.61 21.23
N SER A 415 7.01 -2.30 20.97
CA SER A 415 7.49 -1.77 19.70
C SER A 415 9.01 -1.87 19.50
N TYR A 416 9.55 -3.08 19.46
CA TYR A 416 10.98 -3.31 19.31
C TYR A 416 11.43 -3.44 17.86
N TYR A 417 10.57 -3.92 16.96
CA TYR A 417 10.89 -4.12 15.56
C TYR A 417 9.98 -3.22 14.78
N GLY A 418 8.70 -3.55 14.77
CA GLY A 418 7.67 -2.70 14.20
C GLY A 418 7.41 -1.55 15.16
N ALA A 419 6.83 -0.46 14.66
CA ALA A 419 6.52 0.62 15.57
C ALA A 419 5.02 0.90 15.51
N LEU A 420 4.40 1.17 16.67
CA LEU A 420 2.96 1.43 16.76
C LEU A 420 2.60 2.67 15.96
N SER A 421 3.39 3.73 16.07
CA SER A 421 3.20 4.97 15.30
C SER A 421 3.29 4.70 13.77
N THR A 422 4.39 4.04 13.33
CA THR A 422 4.66 3.69 11.92
C THR A 422 3.53 2.85 11.34
N ASN A 423 3.13 1.78 12.08
CA ASN A 423 2.08 0.85 11.68
C ASN A 423 0.72 1.49 11.58
N LEU A 424 0.38 2.42 12.50
CA LEU A 424 -0.89 3.15 12.41
C LEU A 424 -0.89 4.04 11.14
N ARG A 425 0.24 4.71 10.88
CA ARG A 425 0.46 5.54 9.69
C ARG A 425 0.34 4.65 8.46
N ALA A 426 0.92 3.43 8.52
CA ALA A 426 0.89 2.41 7.45
C ALA A 426 -0.53 2.00 7.07
N VAL A 427 -1.42 1.77 8.08
CA VAL A 427 -2.84 1.37 7.86
C VAL A 427 -3.56 2.53 7.09
N TYR A 428 -3.23 3.80 7.44
CA TYR A 428 -3.72 4.99 6.76
C TYR A 428 -3.24 4.97 5.31
N GLN A 429 -1.92 4.76 5.06
CA GLN A 429 -1.32 4.64 3.72
C GLN A 429 -2.02 3.52 2.91
N ARG A 430 -2.12 2.30 3.51
CA ARG A 430 -2.77 1.17 2.86
C ARG A 430 -4.22 1.43 2.39
N TYR A 431 -5.06 2.06 3.23
CA TYR A 431 -6.48 2.29 2.90
C TYR A 431 -6.73 3.64 2.23
N LEU A 432 -5.92 4.65 2.54
CA LEU A 432 -6.14 5.98 1.96
C LEU A 432 -4.94 6.53 1.12
N GLY A 433 -3.72 6.34 1.63
CA GLY A 433 -2.53 6.80 0.93
C GLY A 433 -1.81 7.94 1.63
N PHE A 434 -0.65 8.33 1.06
CA PHE A 434 0.23 9.35 1.63
C PHE A 434 -0.43 10.70 1.81
N TYR A 435 -1.41 11.02 0.96
CA TYR A 435 -2.08 12.32 0.95
C TYR A 435 -3.20 12.37 1.97
N ASP A 436 -3.16 13.36 2.88
CA ASP A 436 -4.11 13.48 3.99
C ASP A 436 -5.52 14.00 3.69
N GLY A 437 -5.73 14.48 2.46
CA GLY A 437 -7.02 15.02 2.03
C GLY A 437 -7.06 16.54 1.99
N ASN A 438 -6.26 17.19 2.87
CA ASN A 438 -6.09 18.64 3.00
C ASN A 438 -5.34 19.16 1.77
N PRO A 439 -5.97 20.04 0.96
CA PRO A 439 -5.29 20.51 -0.26
C PRO A 439 -3.98 21.25 -0.07
N ALA A 440 -3.72 21.81 1.13
CA ALA A 440 -2.44 22.49 1.39
C ALA A 440 -1.25 21.53 1.19
N ASN A 441 -1.47 20.22 1.45
CA ASN A 441 -0.47 19.17 1.30
C ASN A 441 -0.62 18.41 -0.04
N LEU A 442 -1.28 19.03 -1.03
CA LEU A 442 -1.49 18.39 -2.34
C LEU A 442 -0.20 18.28 -3.17
N ASP A 443 0.62 19.34 -3.15
CA ASP A 443 1.87 19.40 -3.89
C ASP A 443 2.99 19.95 -2.98
N PRO A 444 3.53 19.13 -2.06
CA PRO A 444 4.56 19.65 -1.14
C PRO A 444 5.89 19.91 -1.83
N PHE A 445 6.68 20.83 -1.25
CA PHE A 445 7.99 21.21 -1.75
C PHE A 445 9.03 20.11 -1.45
N PRO A 446 9.98 19.86 -2.40
CA PRO A 446 11.02 18.84 -2.14
C PRO A 446 11.94 19.23 -0.97
N PRO A 447 12.64 18.26 -0.31
CA PRO A 447 13.42 18.61 0.89
C PRO A 447 14.32 19.86 0.85
N VAL A 448 15.24 19.91 -0.13
CA VAL A 448 16.16 21.03 -0.32
C VAL A 448 15.41 22.38 -0.55
N GLU A 449 14.33 22.37 -1.34
CA GLU A 449 13.53 23.56 -1.63
C GLU A 449 12.75 24.03 -0.41
N ALA A 450 12.11 23.10 0.31
CA ALA A 450 11.35 23.43 1.50
C ALA A 450 12.27 23.99 2.58
N GLY A 451 13.41 23.31 2.79
CA GLY A 451 14.43 23.67 3.75
C GLY A 451 14.94 25.09 3.63
N LYS A 452 15.18 25.54 2.39
CA LYS A 452 15.66 26.89 2.06
C LYS A 452 14.61 27.96 2.46
N ARG A 453 13.33 27.77 2.03
CA ARG A 453 12.19 28.64 2.30
C ARG A 453 11.85 28.72 3.77
N TYR A 454 11.95 27.59 4.49
CA TYR A 454 11.65 27.56 5.91
C TYR A 454 12.72 28.29 6.72
N VAL A 455 14.03 28.00 6.44
CA VAL A 455 15.20 28.64 7.09
C VAL A 455 15.12 30.17 6.97
N GLU A 456 14.78 30.65 5.75
CA GLU A 456 14.55 32.06 5.41
C GLU A 456 13.40 32.59 6.30
N ALA A 457 12.23 31.91 6.29
CA ALA A 457 11.05 32.26 7.07
C ALA A 457 11.33 32.29 8.56
N MET A 458 12.28 31.48 9.01
CA MET A 458 12.64 31.36 10.43
C MET A 458 13.73 32.34 10.90
N GLY A 459 14.21 33.19 9.99
CA GLY A 459 15.21 34.21 10.29
C GLY A 459 16.60 34.05 9.71
N GLY A 460 16.87 32.88 9.15
CA GLY A 460 18.18 32.60 8.57
C GLY A 460 18.95 31.54 9.34
N ALA A 461 20.00 31.01 8.68
CA ALA A 461 20.89 29.95 9.18
C ALA A 461 21.28 30.08 10.65
N ASP A 462 21.71 31.29 11.07
CA ASP A 462 22.11 31.56 12.45
C ASP A 462 20.90 31.51 13.40
N ALA A 463 19.77 32.10 12.96
CA ALA A 463 18.53 32.14 13.75
C ALA A 463 17.98 30.74 13.99
N VAL A 464 17.96 29.90 12.93
CA VAL A 464 17.52 28.52 13.03
C VAL A 464 18.45 27.71 13.95
N LEU A 465 19.77 28.01 13.93
CA LEU A 465 20.82 27.39 14.76
C LEU A 465 20.65 27.72 16.26
N LYS A 466 20.22 28.96 16.59
CA LYS A 466 19.99 29.43 17.96
C LYS A 466 18.75 28.72 18.52
N GLN A 467 17.71 28.61 17.67
CA GLN A 467 16.44 27.93 17.95
C GLN A 467 16.66 26.43 18.14
N MET A 468 17.53 25.84 17.32
CA MET A 468 17.92 24.44 17.38
C MET A 468 18.60 24.17 18.72
N ARG A 469 19.52 25.08 19.15
CA ARG A 469 20.27 24.96 20.40
C ARG A 469 19.32 25.02 21.61
N ALA A 470 18.27 25.86 21.51
CA ALA A 470 17.25 26.03 22.55
C ALA A 470 16.47 24.75 22.73
N ALA A 471 16.05 24.11 21.61
CA ALA A 471 15.32 22.83 21.55
C ALA A 471 16.08 21.70 22.23
N ILE A 472 17.42 21.63 22.06
CA ILE A 472 18.21 20.56 22.70
C ILE A 472 18.28 20.76 24.21
N ASP A 473 18.52 22.02 24.65
CA ASP A 473 18.62 22.45 26.05
C ASP A 473 17.32 22.14 26.81
N LYS A 474 16.18 22.37 26.14
CA LYS A 474 14.82 22.10 26.60
C LYS A 474 14.56 20.57 26.67
N GLY A 475 15.23 19.80 25.81
CA GLY A 475 15.07 18.36 25.73
C GLY A 475 14.07 17.94 24.68
N ASP A 476 13.69 18.88 23.78
CA ASP A 476 12.75 18.69 22.68
C ASP A 476 13.55 18.37 21.42
N TYR A 477 14.24 17.22 21.45
CA TYR A 477 15.09 16.68 20.37
C TYR A 477 14.30 16.40 19.10
N ARG A 478 13.00 16.14 19.24
CA ARG A 478 12.10 15.88 18.15
C ARG A 478 11.94 17.13 17.29
N TRP A 479 11.75 18.30 17.95
CA TRP A 479 11.63 19.56 17.24
C TRP A 479 12.98 20.00 16.71
N ALA A 480 14.05 19.80 17.51
CA ALA A 480 15.41 20.09 17.10
C ALA A 480 15.74 19.44 15.72
N VAL A 481 15.45 18.12 15.52
CA VAL A 481 15.70 17.42 14.26
C VAL A 481 14.92 17.95 13.08
N GLN A 482 13.72 18.50 13.31
CA GLN A 482 12.91 19.09 12.25
C GLN A 482 13.55 20.37 11.72
N LEU A 483 14.13 21.23 12.62
CA LEU A 483 14.86 22.45 12.25
C LEU A 483 16.15 22.10 11.53
N GLY A 484 16.93 21.21 12.14
CA GLY A 484 18.20 20.71 11.62
C GLY A 484 18.10 20.12 10.23
N ASN A 485 16.98 19.46 9.90
CA ASN A 485 16.77 18.87 8.58
C ASN A 485 16.61 19.96 7.54
N HIS A 486 15.88 21.03 7.90
CA HIS A 486 15.65 22.17 7.01
C HIS A 486 16.97 22.85 6.69
N LEU A 487 17.84 23.02 7.70
CA LEU A 487 19.13 23.67 7.52
C LEU A 487 20.11 22.84 6.72
N VAL A 488 20.30 21.56 7.12
CA VAL A 488 21.20 20.61 6.44
C VAL A 488 20.84 20.47 4.94
N PHE A 489 19.54 20.43 4.58
CA PHE A 489 19.14 20.35 3.17
C PHE A 489 19.31 21.67 2.41
N ALA A 490 19.13 22.82 3.10
CA ALA A 490 19.30 24.15 2.52
C ALA A 490 20.79 24.40 2.22
N ASP A 491 21.67 23.88 3.09
CA ASP A 491 23.12 24.01 3.00
C ASP A 491 23.78 22.87 3.78
N PRO A 492 24.18 21.75 3.12
CA PRO A 492 24.83 20.66 3.85
C PRO A 492 26.25 20.99 4.30
N ALA A 493 26.73 22.19 3.95
CA ALA A 493 28.04 22.72 4.31
C ALA A 493 28.10 23.21 5.76
N ASN A 494 26.94 23.63 6.35
CA ASN A 494 26.85 24.13 7.73
C ASN A 494 27.17 23.01 8.71
N LYS A 495 28.47 22.85 9.03
CA LYS A 495 28.99 21.80 9.89
C LYS A 495 28.48 21.84 11.34
N ASP A 496 28.03 23.04 11.77
CA ASP A 496 27.43 23.29 13.09
C ASP A 496 26.00 22.71 13.09
N ALA A 497 25.21 22.95 12.01
CA ALA A 497 23.84 22.42 11.82
C ALA A 497 23.83 20.89 11.80
N ARG A 498 24.82 20.29 11.11
CA ARG A 498 25.01 18.85 10.97
C ARG A 498 25.29 18.21 12.32
N ALA A 499 26.27 18.76 13.08
CA ALA A 499 26.71 18.26 14.38
C ALA A 499 25.59 18.31 15.39
N LEU A 500 24.77 19.39 15.35
CA LEU A 500 23.64 19.61 16.24
C LEU A 500 22.54 18.64 15.92
N GLN A 501 22.13 18.52 14.63
CA GLN A 501 21.10 17.56 14.25
C GLN A 501 21.51 16.12 14.57
N ALA A 502 22.81 15.81 14.46
CA ALA A 502 23.34 14.48 14.79
C ALA A 502 23.25 14.25 16.28
N ASP A 503 23.51 15.29 17.09
CA ASP A 503 23.46 15.25 18.56
C ASP A 503 22.05 15.00 19.08
N ALA A 504 21.05 15.67 18.49
CA ALA A 504 19.63 15.56 18.81
C ALA A 504 19.07 14.20 18.41
N MET A 505 19.44 13.67 17.20
CA MET A 505 19.07 12.33 16.67
C MET A 505 19.60 11.25 17.60
N GLU A 506 20.87 11.38 18.01
CA GLU A 506 21.59 10.49 18.91
C GLU A 506 20.85 10.33 20.23
N GLN A 507 20.33 11.46 20.80
CA GLN A 507 19.56 11.51 22.05
C GLN A 507 18.24 10.80 21.85
N LEU A 508 17.60 10.93 20.64
CA LEU A 508 16.36 10.23 20.26
C LEU A 508 16.61 8.71 20.18
N GLY A 509 17.83 8.33 19.79
CA GLY A 509 18.30 6.95 19.69
C GLY A 509 18.52 6.39 21.08
N TYR A 510 19.10 7.22 21.99
CA TYR A 510 19.32 6.86 23.39
C TYR A 510 17.96 6.67 24.10
N GLN A 511 16.92 7.35 23.62
CA GLN A 511 15.58 7.39 24.21
C GLN A 511 14.62 6.30 23.73
N THR A 512 14.61 6.00 22.41
CA THR A 512 13.70 5.03 21.78
C THR A 512 13.82 3.58 22.22
N GLU A 513 12.64 2.96 22.43
CA GLU A 513 12.42 1.56 22.80
C GLU A 513 12.62 0.64 21.57
N ASN A 514 12.35 1.20 20.39
CA ASN A 514 12.45 0.55 19.10
C ASN A 514 13.88 0.37 18.65
N ALA A 515 14.24 -0.88 18.35
CA ALA A 515 15.58 -1.26 17.92
C ALA A 515 15.90 -0.76 16.53
N LEU A 516 14.92 -0.78 15.62
CA LEU A 516 15.09 -0.32 14.25
C LEU A 516 15.21 1.20 14.26
N TRP A 517 14.42 1.89 15.11
CA TRP A 517 14.49 3.35 15.24
C TRP A 517 15.84 3.74 15.80
N ARG A 518 16.37 2.93 16.74
CA ARG A 518 17.70 3.17 17.31
C ARG A 518 18.80 2.99 16.26
N ASN A 519 18.71 1.93 15.41
CA ASN A 519 19.66 1.70 14.32
C ASN A 519 19.60 2.85 13.30
N MET A 520 18.41 3.37 13.00
CA MET A 520 18.19 4.45 12.03
C MET A 520 18.78 5.79 12.50
N TYR A 521 18.33 6.30 13.67
CA TYR A 521 18.82 7.56 14.24
C TYR A 521 20.33 7.51 14.36
N MET A 522 20.87 6.39 14.87
CA MET A 522 22.32 6.17 15.00
C MET A 522 23.08 6.22 13.64
N THR A 523 22.52 5.59 12.57
CA THR A 523 23.11 5.61 11.24
C THR A 523 23.05 7.03 10.72
N GLY A 524 21.94 7.70 11.05
CA GLY A 524 21.67 9.10 10.73
C GLY A 524 22.70 10.04 11.36
N ALA A 525 22.90 9.92 12.68
CA ALA A 525 23.85 10.73 13.43
C ALA A 525 25.30 10.55 12.91
N MET A 526 25.73 9.31 12.62
CA MET A 526 27.02 8.98 12.05
C MET A 526 27.25 9.68 10.70
N GLU A 527 26.36 9.47 9.71
CA GLU A 527 26.51 10.07 8.38
C GLU A 527 26.42 11.60 8.37
N LEU A 528 25.68 12.19 9.34
CA LEU A 528 25.55 13.65 9.44
C LEU A 528 26.89 14.22 9.85
N ARG A 529 27.57 13.51 10.75
CA ARG A 529 28.88 13.86 11.25
C ARG A 529 29.97 13.59 10.21
N HIS A 530 29.94 12.41 9.57
CA HIS A 530 30.97 12.00 8.63
C HIS A 530 30.46 11.85 7.20
N GLY A 531 29.78 10.75 6.91
CA GLY A 531 29.23 10.48 5.58
C GLY A 531 29.18 9.01 5.26
N VAL A 532 28.93 8.69 3.99
CA VAL A 532 28.80 7.32 3.51
C VAL A 532 30.15 6.62 3.17
N PRO A 533 30.45 5.42 3.77
CA PRO A 533 31.75 4.73 3.50
C PRO A 533 31.88 3.92 2.18
N THR A 534 32.19 2.59 2.25
CA THR A 534 32.38 1.67 1.11
C THR A 534 32.23 0.21 1.60
N TYR A 535 31.14 -0.51 1.17
CA TYR A 535 30.85 -1.95 1.50
C TYR A 535 29.60 -2.57 0.80
N ASP A 536 29.50 -3.94 0.79
CA ASP A 536 28.41 -4.83 0.28
C ASP A 536 28.57 -6.33 0.68
N SER A 537 27.55 -6.92 1.37
CA SER A 537 27.48 -8.33 1.83
C SER A 537 26.76 -9.23 0.79
N ARG A 538 25.82 -8.63 0.01
CA ARG A 538 25.05 -9.28 -1.05
C ARG A 538 25.92 -9.48 -2.32
N GLY A 539 27.21 -9.12 -2.22
CA GLY A 539 28.23 -9.26 -3.24
C GLY A 539 28.72 -10.68 -3.37
N LYS A 540 28.73 -11.42 -2.25
CA LYS A 540 29.09 -12.85 -2.23
C LYS A 540 27.82 -13.70 -2.53
N SER A 541 26.64 -13.07 -2.41
CA SER A 541 25.32 -13.66 -2.66
C SER A 541 25.00 -13.78 -4.15
N GLU A 542 24.71 -14.99 -4.61
CA GLU A 542 24.37 -15.26 -6.01
C GLU A 542 22.84 -15.41 -6.18
N MET A 543 22.08 -14.46 -5.62
CA MET A 543 20.63 -14.48 -5.69
C MET A 543 20.11 -14.13 -7.08
N GLY A 544 20.68 -13.12 -7.73
CA GLY A 544 20.27 -12.66 -9.07
C GLY A 544 20.43 -13.61 -10.26
N ARG A 545 21.10 -14.77 -10.05
CA ARG A 545 21.29 -15.77 -11.11
C ARG A 545 19.97 -16.51 -11.46
N ALA A 546 19.03 -16.61 -10.49
CA ALA A 546 17.71 -17.26 -10.57
C ALA A 546 16.65 -16.43 -11.29
N LEU A 547 17.07 -15.30 -11.90
CA LEU A 547 16.18 -14.39 -12.61
C LEU A 547 15.79 -14.87 -14.00
N THR A 548 14.47 -14.92 -14.22
CA THR A 548 13.87 -15.29 -15.49
C THR A 548 14.10 -14.11 -16.46
N PRO A 549 14.08 -14.34 -17.79
CA PRO A 549 14.27 -13.23 -18.73
C PRO A 549 13.32 -12.06 -18.48
N ASP A 550 12.01 -12.33 -18.23
CA ASP A 550 10.97 -11.33 -17.95
C ASP A 550 11.31 -10.47 -16.74
N MET A 551 11.88 -11.08 -15.69
CA MET A 551 12.31 -10.38 -14.48
C MET A 551 13.48 -9.49 -14.81
N PHE A 552 14.44 -10.03 -15.58
CA PHE A 552 15.62 -9.29 -16.04
C PHE A 552 15.20 -8.11 -16.95
N PHE A 553 14.21 -8.30 -17.83
CA PHE A 553 13.78 -7.22 -18.73
C PHE A 553 13.04 -6.08 -18.02
N ASP A 554 12.31 -6.42 -16.93
CA ASP A 554 11.61 -5.47 -16.07
C ASP A 554 12.63 -4.54 -15.37
N LEU A 555 13.81 -5.11 -15.07
CA LEU A 555 14.95 -4.40 -14.49
C LEU A 555 15.50 -3.43 -15.53
N LEU A 556 15.58 -3.87 -16.81
CA LEU A 556 16.05 -3.04 -17.92
C LEU A 556 15.09 -1.89 -18.21
N ALA A 557 13.76 -2.13 -18.10
CA ALA A 557 12.72 -1.09 -18.30
C ALA A 557 12.85 0.02 -17.24
N ILE A 558 13.40 -0.34 -16.07
CA ILE A 558 13.69 0.52 -14.91
C ILE A 558 15.06 1.20 -15.09
N ARG A 559 16.05 0.46 -15.60
CA ARG A 559 17.42 0.95 -15.88
C ARG A 559 17.46 1.90 -17.09
N LEU A 560 16.56 1.70 -18.08
CA LEU A 560 16.45 2.54 -19.27
C LEU A 560 16.30 4.02 -18.89
N ASP A 561 17.13 4.86 -19.52
CA ASP A 561 17.18 6.30 -19.34
C ASP A 561 16.30 6.95 -20.38
N THR A 562 15.05 7.27 -19.99
CA THR A 562 14.02 7.92 -20.80
C THR A 562 14.54 9.11 -21.60
N ASP A 563 15.33 10.00 -20.97
CA ASP A 563 15.90 11.18 -21.63
C ASP A 563 16.77 10.90 -22.86
N LYS A 564 17.74 9.97 -22.74
CA LYS A 564 18.59 9.64 -23.88
C LYS A 564 17.90 8.67 -24.85
N ALA A 565 17.00 7.81 -24.33
CA ALA A 565 16.24 6.82 -25.12
C ALA A 565 15.17 7.39 -26.05
N VAL A 566 14.80 8.67 -25.84
CA VAL A 566 13.81 9.37 -26.69
C VAL A 566 14.42 9.54 -28.09
N GLY A 567 13.66 9.11 -29.09
CA GLY A 567 14.05 9.14 -30.50
C GLY A 567 14.86 7.94 -30.92
N HIS A 568 14.87 6.87 -30.10
CA HIS A 568 15.58 5.64 -30.40
C HIS A 568 14.61 4.45 -30.47
N ASP A 569 13.33 4.72 -30.84
CA ASP A 569 12.27 3.73 -30.95
C ASP A 569 12.70 2.56 -31.78
N MET A 570 12.41 1.34 -31.30
CA MET A 570 12.79 0.06 -31.89
C MET A 570 12.05 -1.07 -31.20
N THR A 571 12.10 -2.27 -31.80
CA THR A 571 11.49 -3.50 -31.29
C THR A 571 12.55 -4.57 -31.35
N LEU A 572 12.66 -5.38 -30.28
CA LEU A 572 13.67 -6.41 -30.18
C LEU A 572 13.07 -7.74 -29.76
N ASN A 573 13.09 -8.74 -30.64
CA ASN A 573 12.66 -10.09 -30.30
C ASN A 573 13.84 -10.78 -29.63
N TRP A 574 13.55 -11.60 -28.63
CA TRP A 574 14.53 -12.36 -27.86
C TRP A 574 14.04 -13.80 -27.83
N VAL A 575 14.92 -14.75 -28.17
CA VAL A 575 14.58 -16.17 -28.21
C VAL A 575 15.57 -16.98 -27.46
N PHE A 576 15.06 -17.70 -26.45
CA PHE A 576 15.86 -18.52 -25.55
C PHE A 576 15.62 -19.99 -25.82
N GLU A 577 16.52 -20.61 -26.60
CA GLU A 577 16.48 -22.00 -27.03
C GLU A 577 16.41 -23.02 -25.90
N ASP A 578 17.20 -22.78 -24.83
CA ASP A 578 17.26 -23.65 -23.65
C ASP A 578 15.97 -23.57 -22.81
N LEU A 579 15.22 -22.46 -22.94
CA LEU A 579 14.00 -22.16 -22.18
C LEU A 579 12.73 -22.36 -22.98
N LYS A 580 12.85 -22.51 -24.33
CA LYS A 580 11.73 -22.60 -25.29
C LYS A 580 10.74 -21.43 -25.09
N GLN A 581 11.31 -20.25 -24.76
CA GLN A 581 10.58 -19.03 -24.46
C GLN A 581 10.98 -17.85 -25.37
N ASP A 582 9.97 -17.20 -25.93
CA ASP A 582 10.11 -16.05 -26.83
C ASP A 582 9.56 -14.80 -26.15
N ILE A 583 10.34 -13.74 -26.17
CA ILE A 583 9.92 -12.49 -25.55
C ILE A 583 10.11 -11.32 -26.51
N ALA A 584 9.06 -10.50 -26.69
CA ALA A 584 9.07 -9.38 -27.60
C ALA A 584 9.14 -8.00 -26.91
N LEU A 585 10.33 -7.39 -26.92
CA LEU A 585 10.52 -6.04 -26.37
C LEU A 585 10.10 -5.01 -27.36
N THR A 586 9.73 -3.84 -26.85
CA THR A 586 9.36 -2.64 -27.62
C THR A 586 9.78 -1.40 -26.86
N LEU A 587 10.55 -0.51 -27.53
CA LEU A 587 11.04 0.76 -26.97
C LEU A 587 10.36 1.88 -27.73
N ARG A 588 9.49 2.61 -27.04
CA ARG A 588 8.70 3.68 -27.66
C ARG A 588 8.61 4.83 -26.70
N ASN A 589 8.89 6.03 -27.17
CA ASN A 589 8.85 7.28 -26.39
C ASN A 589 9.74 7.19 -25.14
N GLY A 590 10.87 6.48 -25.25
CA GLY A 590 11.82 6.26 -24.16
C GLY A 590 11.29 5.41 -23.01
N VAL A 591 10.27 4.56 -23.32
CA VAL A 591 9.56 3.64 -22.44
C VAL A 591 9.72 2.22 -22.99
N LEU A 592 10.21 1.29 -22.15
CA LEU A 592 10.38 -0.09 -22.56
C LEU A 592 9.23 -0.91 -21.99
N THR A 593 8.54 -1.67 -22.87
CA THR A 593 7.43 -2.58 -22.56
C THR A 593 7.77 -3.97 -23.11
N GLN A 594 7.14 -5.04 -22.61
CA GLN A 594 7.44 -6.40 -23.05
C GLN A 594 6.21 -7.31 -23.11
N ARG A 595 6.31 -8.37 -23.93
CA ARG A 595 5.27 -9.37 -24.13
C ARG A 595 5.92 -10.73 -24.06
N VAL A 596 5.66 -11.47 -22.98
CA VAL A 596 6.20 -12.81 -22.76
C VAL A 596 5.36 -13.79 -23.57
N GLY A 597 6.02 -14.70 -24.29
CA GLY A 597 5.39 -15.68 -25.15
C GLY A 597 5.02 -15.19 -26.54
N SER A 598 5.38 -13.94 -26.85
CA SER A 598 5.10 -13.32 -28.13
C SER A 598 6.40 -13.09 -28.92
N LEU A 599 6.24 -12.77 -30.21
CA LEU A 599 7.30 -12.42 -31.16
C LEU A 599 6.70 -11.39 -32.11
N ASN A 600 7.33 -10.21 -32.21
CA ASN A 600 6.84 -9.19 -33.12
C ASN A 600 7.21 -9.60 -34.55
N PRO A 601 6.23 -9.63 -35.48
CA PRO A 601 6.56 -10.07 -36.85
C PRO A 601 7.45 -9.08 -37.62
N LYS A 602 7.38 -7.79 -37.27
CA LYS A 602 8.16 -6.75 -37.93
C LYS A 602 9.26 -6.20 -36.98
N ALA A 603 9.91 -7.08 -36.21
CA ALA A 603 10.95 -6.66 -35.26
C ALA A 603 12.25 -6.25 -35.94
N ASP A 604 12.84 -5.13 -35.47
CA ASP A 604 14.08 -4.55 -35.97
C ASP A 604 15.27 -5.50 -35.81
N VAL A 605 15.33 -6.23 -34.68
CA VAL A 605 16.42 -7.17 -34.36
C VAL A 605 15.81 -8.40 -33.66
N THR A 606 16.48 -9.56 -33.78
CA THR A 606 16.09 -10.83 -33.16
C THR A 606 17.33 -11.39 -32.47
N VAL A 607 17.23 -11.64 -31.17
CA VAL A 607 18.36 -12.08 -30.34
C VAL A 607 18.21 -13.53 -29.85
N LYS A 608 18.91 -14.46 -30.53
CA LYS A 608 18.94 -15.87 -30.17
C LYS A 608 20.13 -16.11 -29.23
N LEU A 609 19.86 -16.65 -28.02
CA LEU A 609 20.83 -16.94 -26.96
C LEU A 609 20.20 -17.89 -25.96
N THR A 610 20.95 -18.24 -24.91
CA THR A 610 20.46 -19.10 -23.83
C THR A 610 20.45 -18.30 -22.52
N LYS A 611 19.66 -18.76 -21.50
CA LYS A 611 19.64 -18.09 -20.19
C LYS A 611 21.06 -18.06 -19.57
N PRO A 612 21.86 -19.17 -19.52
CA PRO A 612 23.22 -19.05 -18.96
C PRO A 612 24.10 -17.99 -19.64
N THR A 613 23.95 -17.77 -20.98
CA THR A 613 24.69 -16.73 -21.70
C THR A 613 24.14 -15.35 -21.34
N LEU A 614 22.80 -15.19 -21.27
CA LEU A 614 22.14 -13.93 -20.88
C LEU A 614 22.64 -13.53 -19.50
N ASP A 615 22.74 -14.53 -18.59
CA ASP A 615 23.21 -14.39 -17.22
C ASP A 615 24.63 -13.84 -17.19
N GLN A 616 25.52 -14.35 -18.06
CA GLN A 616 26.91 -13.90 -18.19
C GLN A 616 27.03 -12.45 -18.62
N ILE A 617 26.15 -12.01 -19.56
CA ILE A 617 26.10 -10.61 -20.04
C ILE A 617 25.51 -9.71 -18.94
N ALA A 618 24.49 -10.23 -18.20
CA ALA A 618 23.86 -9.53 -17.08
C ALA A 618 24.86 -9.32 -15.94
N ALA A 619 25.65 -10.37 -15.60
CA ALA A 619 26.68 -10.34 -14.56
C ALA A 619 27.89 -9.48 -14.96
N ARG A 620 27.93 -9.03 -16.22
CA ARG A 620 28.96 -8.19 -16.85
C ARG A 620 30.33 -8.88 -16.93
N LYS A 621 30.32 -10.24 -16.89
CA LYS A 621 31.50 -11.08 -17.04
C LYS A 621 31.80 -11.21 -18.55
N LEU A 622 30.74 -11.45 -19.37
CA LEU A 622 30.75 -11.53 -20.83
C LEU A 622 30.23 -10.24 -21.48
N ASP A 623 30.95 -9.79 -22.49
CA ASP A 623 30.72 -8.58 -23.25
C ASP A 623 29.81 -8.88 -24.46
N LEU A 624 29.05 -7.87 -24.94
CA LEU A 624 28.16 -8.02 -26.10
C LEU A 624 28.91 -8.39 -27.42
N PRO A 625 29.84 -7.56 -28.00
CA PRO A 625 30.52 -7.99 -29.24
C PRO A 625 31.36 -9.27 -29.12
N THR A 626 31.92 -9.53 -27.90
CA THR A 626 32.68 -10.74 -27.56
C THR A 626 31.78 -11.97 -27.73
N ALA A 627 30.51 -11.85 -27.29
CA ALA A 627 29.47 -12.89 -27.37
C ALA A 627 29.03 -13.11 -28.81
N ILE A 628 28.87 -12.00 -29.60
CA ILE A 628 28.50 -12.03 -31.02
C ILE A 628 29.52 -12.87 -31.80
N LYS A 629 30.82 -12.54 -31.62
CA LYS A 629 31.92 -13.24 -32.30
C LYS A 629 32.03 -14.70 -31.86
N GLN A 630 31.92 -14.97 -30.55
CA GLN A 630 31.92 -16.32 -29.94
C GLN A 630 30.86 -17.27 -30.58
N GLY A 631 29.73 -16.70 -30.97
CA GLY A 631 28.61 -17.44 -31.54
C GLY A 631 27.45 -17.65 -30.58
N THR A 632 27.68 -17.35 -29.27
CA THR A 632 26.71 -17.47 -28.16
C THR A 632 25.52 -16.51 -28.27
N VAL A 633 25.65 -15.48 -29.11
CA VAL A 633 24.60 -14.50 -29.39
C VAL A 633 24.48 -14.35 -30.91
N LYS A 634 23.47 -14.98 -31.50
CA LYS A 634 23.21 -14.88 -32.94
C LYS A 634 22.14 -13.82 -33.19
N LEU A 635 22.36 -12.95 -34.18
CA LEU A 635 21.43 -11.87 -34.49
C LEU A 635 20.84 -11.90 -35.89
N ASP A 636 19.54 -11.60 -35.98
CA ASP A 636 18.73 -11.49 -37.20
CA ASP A 636 18.78 -11.48 -37.21
C ASP A 636 18.29 -10.03 -37.27
N GLY A 637 18.26 -9.47 -38.47
CA GLY A 637 17.87 -8.08 -38.66
C GLY A 637 18.94 -7.08 -38.29
N ASP A 638 18.53 -5.86 -37.93
CA ASP A 638 19.40 -4.74 -37.60
C ASP A 638 20.21 -4.96 -36.30
N GLY A 639 21.28 -5.75 -36.40
CA GLY A 639 22.18 -6.07 -35.29
C GLY A 639 22.71 -4.89 -34.51
N LYS A 640 22.79 -3.72 -35.18
CA LYS A 640 23.26 -2.45 -34.60
C LYS A 640 22.37 -2.00 -33.40
N LYS A 641 21.06 -2.31 -33.46
CA LYS A 641 20.06 -1.92 -32.45
C LYS A 641 20.24 -2.53 -31.06
N LEU A 642 20.96 -3.66 -30.93
CA LEU A 642 21.17 -4.27 -29.62
C LEU A 642 22.14 -3.43 -28.81
N GLY A 643 23.30 -3.14 -29.39
CA GLY A 643 24.34 -2.32 -28.77
C GLY A 643 23.83 -0.94 -28.42
N GLU A 644 22.95 -0.41 -29.30
CA GLU A 644 22.26 0.88 -29.18
C GLU A 644 21.37 0.82 -27.93
N PHE A 645 20.56 -0.24 -27.82
CA PHE A 645 19.65 -0.46 -26.69
C PHE A 645 20.41 -0.49 -25.37
N PHE A 646 21.50 -1.28 -25.29
CA PHE A 646 22.35 -1.40 -24.11
C PHE A 646 23.08 -0.13 -23.70
N GLY A 647 23.24 0.79 -24.65
CA GLY A 647 23.89 2.09 -24.44
C GLY A 647 22.99 3.09 -23.76
N LEU A 648 21.70 2.79 -23.72
CA LEU A 648 20.64 3.61 -23.11
C LEU A 648 20.30 3.20 -21.68
N LEU A 649 21.03 2.21 -21.15
CA LEU A 649 20.83 1.64 -19.83
C LEU A 649 21.69 2.32 -18.76
N ASP A 650 21.04 2.89 -17.73
CA ASP A 650 21.74 3.51 -16.58
C ASP A 650 22.27 2.41 -15.64
N SER A 651 23.11 2.79 -14.67
CA SER A 651 23.63 1.91 -13.62
C SER A 651 23.44 2.56 -12.24
N PHE A 652 22.94 1.78 -11.27
CA PHE A 652 22.62 2.32 -9.95
C PHE A 652 23.62 1.92 -8.92
N SER A 653 24.01 2.86 -8.06
CA SER A 653 24.93 2.62 -6.95
C SER A 653 24.15 2.73 -5.62
N PRO A 654 24.17 1.67 -4.77
CA PRO A 654 23.42 1.74 -3.50
C PRO A 654 24.21 2.38 -2.37
N LYS A 655 24.62 3.64 -2.59
CA LYS A 655 25.32 4.46 -1.60
C LYS A 655 25.02 5.95 -1.70
N PHE A 656 23.76 6.26 -2.00
CA PHE A 656 23.26 7.63 -2.10
C PHE A 656 23.04 8.28 -0.73
N ASN A 657 22.96 9.63 -0.70
CA ASN A 657 22.71 10.35 0.56
C ASN A 657 21.27 10.14 1.02
N ILE A 658 21.09 10.03 2.33
CA ILE A 658 19.78 9.88 2.90
C ILE A 658 19.44 11.13 3.73
N VAL A 659 20.37 11.54 4.60
CA VAL A 659 20.24 12.68 5.51
C VAL A 659 20.90 13.99 4.92
N GLU A 660 21.06 14.08 3.55
CA GLU A 660 21.80 15.17 2.89
C GLU A 660 21.32 15.67 1.54
N LEU B 32 -13.52 37.98 2.37
CA LEU B 32 -14.01 36.60 2.23
C LEU B 32 -14.67 36.32 0.86
N ASP B 33 -14.75 37.33 -0.02
CA ASP B 33 -15.39 37.18 -1.33
C ASP B 33 -14.47 36.47 -2.34
N SER B 34 -15.05 35.82 -3.37
CA SER B 34 -14.30 35.12 -4.43
C SER B 34 -13.50 36.10 -5.31
N LYS B 35 -12.21 36.29 -4.95
CA LYS B 35 -11.25 37.18 -5.63
C LYS B 35 -11.08 36.81 -7.11
N PRO B 36 -10.93 37.79 -8.05
CA PRO B 36 -10.76 37.42 -9.46
C PRO B 36 -9.32 36.99 -9.78
N ALA B 37 -9.02 36.77 -11.07
CA ALA B 37 -7.70 36.36 -11.53
C ALA B 37 -6.67 37.47 -11.27
N SER B 38 -5.55 37.11 -10.63
CA SER B 38 -4.46 38.06 -10.39
C SER B 38 -3.70 38.28 -11.71
N ALA B 39 -2.80 39.26 -11.76
CA ALA B 39 -2.03 39.58 -12.97
C ALA B 39 -1.24 38.36 -13.45
N ILE B 40 -0.64 37.64 -12.49
CA ILE B 40 0.22 36.48 -12.66
C ILE B 40 -0.58 35.28 -13.21
N THR B 41 -1.70 34.97 -12.54
CA THR B 41 -2.63 33.88 -12.87
C THR B 41 -3.14 34.04 -14.30
N ALA B 42 -3.66 35.23 -14.63
CA ALA B 42 -4.19 35.53 -15.96
C ALA B 42 -3.12 35.36 -17.07
N ALA B 43 -1.85 35.77 -16.78
CA ALA B 43 -0.73 35.64 -17.70
C ALA B 43 -0.38 34.16 -17.93
N LYS B 44 -0.30 33.40 -16.82
CA LYS B 44 0.00 31.98 -16.82
C LYS B 44 -0.99 31.16 -17.67
N ASN B 45 -2.30 31.51 -17.59
CA ASN B 45 -3.37 30.83 -18.34
C ASN B 45 -3.30 31.15 -19.82
N ALA B 46 -3.09 32.44 -20.16
CA ALA B 46 -2.95 32.88 -21.54
C ALA B 46 -1.78 32.17 -22.22
N GLU B 47 -0.73 31.82 -21.44
CA GLU B 47 0.44 31.11 -21.93
C GLU B 47 0.07 29.71 -22.45
N VAL B 48 -0.89 29.05 -21.79
CA VAL B 48 -1.40 27.71 -22.16
C VAL B 48 -2.02 27.70 -23.58
N LEU B 49 -2.65 28.83 -24.01
CA LEU B 49 -3.27 28.99 -25.33
C LEU B 49 -2.34 28.55 -26.49
N LYS B 50 -1.06 28.94 -26.39
CA LYS B 50 0.00 28.53 -27.30
C LYS B 50 0.69 27.35 -26.61
N ASN B 51 1.58 26.61 -27.28
CA ASN B 51 2.25 25.42 -26.71
C ASN B 51 1.35 24.18 -26.36
N LEU B 52 0.02 24.26 -26.66
CA LEU B 52 -0.94 23.15 -26.48
C LEU B 52 -1.85 23.09 -27.73
N PRO B 53 -2.32 21.87 -28.22
CA PRO B 53 -3.07 21.81 -29.50
C PRO B 53 -4.12 22.87 -29.85
N PHE B 54 -5.34 22.79 -29.27
CA PHE B 54 -6.48 23.71 -29.46
C PHE B 54 -7.02 23.73 -30.90
N ALA B 55 -6.11 23.62 -31.88
CA ALA B 55 -6.41 23.57 -33.31
C ALA B 55 -6.79 22.13 -33.71
N ASP B 56 -6.59 21.16 -32.79
CA ASP B 56 -7.01 19.77 -33.00
C ASP B 56 -8.38 19.63 -32.33
N ARG B 57 -9.43 19.37 -33.14
CA ARG B 57 -10.81 19.23 -32.68
C ARG B 57 -11.33 17.81 -32.82
N GLU B 58 -10.43 16.84 -33.06
CA GLU B 58 -10.71 15.41 -33.18
C GLU B 58 -11.63 14.89 -32.06
N GLU B 59 -11.38 15.34 -30.81
CA GLU B 59 -12.17 14.93 -29.64
C GLU B 59 -13.60 15.46 -29.70
N PHE B 60 -13.80 16.73 -30.17
CA PHE B 60 -15.12 17.33 -30.35
C PHE B 60 -15.92 16.55 -31.38
N GLU B 61 -15.24 16.08 -32.45
CA GLU B 61 -15.81 15.25 -33.52
C GLU B 61 -16.24 13.90 -32.93
N ALA B 62 -15.34 13.28 -32.13
CA ALA B 62 -15.57 11.98 -31.51
C ALA B 62 -16.67 11.99 -30.44
N ALA B 63 -16.87 13.12 -29.79
CA ALA B 63 -17.89 13.21 -28.76
C ALA B 63 -19.29 13.44 -29.36
N LYS B 64 -19.40 14.33 -30.38
CA LYS B 64 -20.67 14.70 -31.03
C LYS B 64 -21.23 13.61 -31.97
N ARG B 65 -20.36 12.67 -32.36
CA ARG B 65 -20.70 11.57 -33.26
C ARG B 65 -21.59 10.51 -32.60
N GLY B 66 -22.65 10.15 -33.30
CA GLY B 66 -23.62 9.15 -32.85
C GLY B 66 -24.78 9.71 -32.07
N LEU B 67 -24.74 11.04 -31.77
CA LEU B 67 -25.77 11.74 -31.00
C LEU B 67 -27.15 11.57 -31.60
N ILE B 68 -28.00 10.83 -30.87
CA ILE B 68 -29.39 10.55 -31.21
C ILE B 68 -30.30 11.56 -30.50
N ALA B 69 -30.08 11.75 -29.19
CA ALA B 69 -30.87 12.64 -28.35
C ALA B 69 -29.99 13.32 -27.32
N PRO B 70 -29.92 14.68 -27.36
CA PRO B 70 -29.11 15.38 -26.35
C PRO B 70 -29.79 15.41 -24.97
N PHE B 71 -29.03 15.79 -23.95
CA PHE B 71 -29.52 15.94 -22.60
C PHE B 71 -28.88 17.21 -22.06
N SER B 72 -29.71 18.14 -21.57
CA SER B 72 -29.23 19.41 -21.02
C SER B 72 -30.01 19.84 -19.75
N GLY B 73 -30.96 19.00 -19.33
CA GLY B 73 -31.83 19.27 -18.20
C GLY B 73 -31.42 18.71 -16.85
N GLN B 74 -32.42 18.51 -15.98
CA GLN B 74 -32.24 18.00 -14.63
C GLN B 74 -32.85 16.61 -14.45
N ILE B 75 -32.32 15.87 -13.47
CA ILE B 75 -32.81 14.59 -13.01
C ILE B 75 -33.11 14.83 -11.53
N LYS B 76 -34.33 14.51 -11.10
CA LYS B 76 -34.77 14.71 -9.73
C LYS B 76 -34.95 13.40 -8.97
N ASN B 77 -34.88 13.49 -7.63
CA ASN B 77 -35.08 12.42 -6.65
C ASN B 77 -36.61 12.22 -6.49
N ALA B 78 -37.06 11.22 -5.69
CA ALA B 78 -38.48 11.01 -5.41
C ALA B 78 -39.08 12.24 -4.69
N GLU B 79 -38.31 12.84 -3.76
CA GLU B 79 -38.68 14.03 -3.00
C GLU B 79 -38.65 15.34 -3.83
N GLY B 80 -38.38 15.22 -5.14
CA GLY B 80 -38.33 16.34 -6.08
C GLY B 80 -37.04 17.14 -6.12
N GLN B 81 -36.04 16.78 -5.26
CA GLN B 81 -34.74 17.45 -5.18
C GLN B 81 -33.85 17.06 -6.37
N VAL B 82 -33.04 18.02 -6.87
CA VAL B 82 -32.12 17.84 -8.01
C VAL B 82 -30.99 16.87 -7.66
N VAL B 83 -30.81 15.86 -8.53
CA VAL B 83 -29.80 14.79 -8.43
C VAL B 83 -28.65 15.08 -9.40
N TRP B 84 -29.00 15.50 -10.64
CA TRP B 84 -28.07 15.77 -11.74
C TRP B 84 -28.58 16.96 -12.54
N ASP B 85 -27.74 18.00 -12.70
CA ASP B 85 -28.06 19.22 -13.44
C ASP B 85 -26.96 19.57 -14.44
N MET B 86 -27.30 19.47 -15.74
CA MET B 86 -26.38 19.78 -16.85
C MET B 86 -26.50 21.27 -17.25
N GLY B 87 -27.67 21.84 -17.01
CA GLY B 87 -27.98 23.24 -17.29
C GLY B 87 -27.12 24.23 -16.54
N ALA B 88 -26.49 23.78 -15.43
CA ALA B 88 -25.61 24.63 -14.63
C ALA B 88 -24.27 24.96 -15.32
N TYR B 89 -23.87 24.12 -16.31
CA TYR B 89 -22.62 24.27 -17.06
C TYR B 89 -22.76 24.98 -18.41
N GLN B 90 -23.84 25.78 -18.56
CA GLN B 90 -24.15 26.54 -19.78
C GLN B 90 -23.06 27.55 -20.17
N PHE B 91 -22.39 28.18 -19.18
CA PHE B 91 -21.30 29.14 -19.37
C PHE B 91 -20.13 28.60 -20.21
N LEU B 92 -20.02 27.25 -20.32
CA LEU B 92 -18.96 26.56 -21.06
C LEU B 92 -19.22 26.44 -22.54
N ASN B 93 -20.50 26.33 -22.92
CA ASN B 93 -20.91 26.10 -24.30
C ASN B 93 -20.56 27.11 -25.38
N ASP B 94 -19.82 26.62 -26.40
CA ASP B 94 -19.34 27.31 -27.60
C ASP B 94 -18.79 28.72 -27.31
N LYS B 95 -17.82 28.76 -26.39
CA LYS B 95 -17.08 29.93 -25.88
C LYS B 95 -15.66 29.48 -25.52
N ASP B 96 -14.75 30.45 -25.24
CA ASP B 96 -13.36 30.19 -24.86
C ASP B 96 -13.15 30.48 -23.36
N ALA B 97 -12.01 30.05 -22.81
CA ALA B 97 -11.66 30.19 -21.39
C ALA B 97 -11.60 31.58 -20.79
N ALA B 98 -12.05 31.67 -19.53
CA ALA B 98 -11.98 32.86 -18.69
C ALA B 98 -10.55 32.90 -18.12
N ASP B 99 -10.11 34.06 -17.58
CA ASP B 99 -8.78 34.24 -16.97
C ASP B 99 -8.65 33.42 -15.66
N THR B 100 -9.81 33.11 -15.05
CA THR B 100 -9.98 32.35 -13.81
C THR B 100 -10.05 30.81 -14.02
N VAL B 101 -9.86 30.32 -15.25
CA VAL B 101 -9.81 28.88 -15.53
C VAL B 101 -8.83 28.51 -16.64
N ASN B 102 -7.92 27.57 -16.32
CA ASN B 102 -6.92 27.03 -17.22
C ASN B 102 -7.58 26.60 -18.54
N PRO B 103 -7.04 27.07 -19.69
CA PRO B 103 -7.67 26.76 -20.98
C PRO B 103 -7.81 25.29 -21.38
N SER B 104 -6.85 24.44 -20.96
CA SER B 104 -6.86 23.00 -21.24
C SER B 104 -7.99 22.32 -20.46
N LEU B 105 -8.21 22.75 -19.19
CA LEU B 105 -9.28 22.27 -18.31
C LEU B 105 -10.65 22.62 -18.95
N TRP B 106 -10.78 23.87 -19.47
CA TRP B 106 -11.95 24.39 -20.20
C TRP B 106 -12.29 23.54 -21.41
N ARG B 107 -11.27 23.08 -22.13
CA ARG B 107 -11.38 22.23 -23.32
C ARG B 107 -12.07 20.91 -22.94
N GLN B 108 -11.59 20.28 -21.85
CA GLN B 108 -12.10 19.02 -21.33
C GLN B 108 -13.51 19.22 -20.78
N ALA B 109 -13.72 20.36 -20.09
CA ALA B 109 -15.02 20.77 -19.53
C ALA B 109 -16.07 20.81 -20.64
N GLN B 110 -15.73 21.43 -21.79
CA GLN B 110 -16.60 21.55 -22.96
C GLN B 110 -16.96 20.21 -23.57
N LEU B 111 -15.98 19.29 -23.61
CA LEU B 111 -16.19 17.96 -24.17
C LEU B 111 -17.17 17.18 -23.29
N ASN B 112 -16.98 17.27 -21.97
CA ASN B 112 -17.79 16.60 -20.95
C ASN B 112 -19.24 17.10 -20.88
N ASN B 113 -19.54 18.17 -21.65
CA ASN B 113 -20.87 18.77 -21.78
C ASN B 113 -21.68 18.03 -22.83
N ILE B 114 -20.99 17.30 -23.75
CA ILE B 114 -21.65 16.51 -24.80
C ILE B 114 -22.35 15.28 -24.16
N ALA B 115 -23.60 15.51 -23.70
CA ALA B 115 -24.45 14.55 -23.00
C ALA B 115 -25.65 14.03 -23.80
N GLY B 116 -26.11 12.82 -23.47
CA GLY B 116 -27.28 12.19 -24.08
C GLY B 116 -27.17 10.74 -24.48
N LEU B 117 -28.00 10.33 -25.47
CA LEU B 117 -28.05 8.96 -26.01
C LEU B 117 -27.26 8.98 -27.31
N PHE B 118 -26.41 7.97 -27.53
CA PHE B 118 -25.54 7.91 -28.69
C PHE B 118 -25.48 6.51 -29.28
N GLU B 119 -25.59 6.39 -30.61
CA GLU B 119 -25.41 5.10 -31.28
C GLU B 119 -23.93 4.94 -31.56
N VAL B 120 -23.39 3.74 -31.27
CA VAL B 120 -21.99 3.42 -31.54
C VAL B 120 -22.01 2.65 -32.86
N MET B 121 -22.92 1.67 -32.92
CA MET B 121 -23.19 0.77 -34.03
C MET B 121 -24.67 0.38 -33.93
N PRO B 122 -25.36 -0.10 -35.00
CA PRO B 122 -26.76 -0.54 -34.81
C PRO B 122 -26.79 -1.67 -33.77
N LYS B 123 -27.80 -1.66 -32.84
CA LYS B 123 -27.98 -2.60 -31.70
C LYS B 123 -27.02 -2.27 -30.51
N LEU B 124 -26.25 -1.15 -30.61
CA LEU B 124 -25.26 -0.75 -29.61
C LEU B 124 -25.26 0.75 -29.33
N TYR B 125 -25.76 1.10 -28.14
CA TYR B 125 -25.92 2.49 -27.72
C TYR B 125 -25.23 2.78 -26.40
N GLN B 126 -25.13 4.06 -26.07
CA GLN B 126 -24.46 4.53 -24.88
C GLN B 126 -25.14 5.77 -24.36
N VAL B 127 -25.33 5.82 -23.03
CA VAL B 127 -25.88 6.99 -22.35
C VAL B 127 -24.72 7.58 -21.60
N ARG B 128 -24.36 8.81 -21.96
CA ARG B 128 -23.25 9.56 -21.40
C ARG B 128 -23.74 10.91 -20.90
N GLY B 129 -23.14 11.40 -19.83
CA GLY B 129 -23.46 12.72 -19.28
C GLY B 129 -24.74 12.84 -18.47
N LEU B 130 -25.35 11.71 -18.10
CA LEU B 130 -26.55 11.73 -17.27
C LEU B 130 -26.16 11.24 -15.88
N ASP B 131 -24.82 11.15 -15.61
CA ASP B 131 -24.18 10.60 -14.40
C ASP B 131 -22.65 10.71 -14.55
N PRO B 132 -21.85 10.64 -13.45
CA PRO B 132 -20.39 10.58 -13.64
C PRO B 132 -19.91 9.50 -14.63
N ALA B 133 -20.62 8.36 -14.69
CA ALA B 133 -20.25 7.27 -15.60
C ALA B 133 -21.21 7.10 -16.78
N ASN B 134 -20.92 6.12 -17.64
CA ASN B 134 -21.70 5.79 -18.83
C ASN B 134 -22.34 4.42 -18.67
N MET B 135 -23.46 4.22 -19.39
CA MET B 135 -24.20 2.97 -19.45
C MET B 135 -24.15 2.51 -20.90
N THR B 136 -23.63 1.31 -21.14
CA THR B 136 -23.59 0.74 -22.47
C THR B 136 -24.84 -0.17 -22.62
N ILE B 137 -25.65 0.08 -23.65
CA ILE B 137 -26.84 -0.73 -23.91
C ILE B 137 -26.68 -1.54 -25.18
N ILE B 138 -26.55 -2.87 -25.02
CA ILE B 138 -26.45 -3.82 -26.13
C ILE B 138 -27.86 -4.38 -26.32
N GLU B 139 -28.35 -4.37 -27.58
CA GLU B 139 -29.67 -4.90 -27.89
C GLU B 139 -29.81 -6.44 -27.70
N GLY B 140 -29.62 -7.24 -28.73
CA GLY B 140 -29.74 -8.68 -28.55
C GLY B 140 -31.11 -9.23 -28.84
N ASP B 141 -31.21 -10.58 -28.90
CA ASP B 141 -32.39 -11.36 -29.25
C ASP B 141 -33.75 -10.96 -28.67
N SER B 142 -33.95 -11.13 -27.35
CA SER B 142 -35.21 -10.81 -26.67
C SER B 142 -35.23 -9.50 -25.87
N GLY B 143 -34.26 -9.34 -24.97
CA GLY B 143 -34.17 -8.15 -24.12
C GLY B 143 -32.96 -7.29 -24.36
N LEU B 144 -32.37 -6.80 -23.25
CA LEU B 144 -31.20 -5.91 -23.26
C LEU B 144 -30.08 -6.43 -22.39
N VAL B 145 -28.85 -6.26 -22.86
CA VAL B 145 -27.67 -6.57 -22.09
C VAL B 145 -26.96 -5.26 -21.81
N LEU B 146 -26.83 -4.99 -20.52
CA LEU B 146 -26.28 -3.76 -20.03
C LEU B 146 -24.90 -3.92 -19.46
N ILE B 147 -24.02 -2.98 -19.77
CA ILE B 147 -22.72 -2.92 -19.16
C ILE B 147 -22.72 -1.67 -18.32
N ASP B 148 -22.77 -1.90 -16.99
CA ASP B 148 -22.87 -0.94 -15.89
C ASP B 148 -24.26 -0.35 -15.67
N THR B 149 -24.51 0.11 -14.43
CA THR B 149 -25.81 0.61 -14.01
C THR B 149 -25.76 2.02 -13.41
N LEU B 150 -24.73 2.81 -13.77
CA LEU B 150 -24.48 4.18 -13.28
C LEU B 150 -24.30 4.22 -11.74
N THR B 151 -24.21 5.43 -11.14
CA THR B 151 -23.96 5.67 -9.72
C THR B 151 -25.20 5.55 -8.83
N THR B 152 -26.35 6.04 -9.34
CA THR B 152 -27.58 6.10 -8.56
C THR B 152 -28.78 5.50 -9.26
N ALA B 153 -29.78 5.10 -8.49
CA ALA B 153 -31.02 4.50 -9.00
C ALA B 153 -31.78 5.49 -9.90
N GLU B 154 -31.77 6.80 -9.53
CA GLU B 154 -32.42 7.89 -10.29
C GLU B 154 -31.74 8.14 -11.62
N THR B 155 -30.40 8.09 -11.67
CA THR B 155 -29.67 8.27 -12.93
C THR B 155 -29.81 7.04 -13.83
N ALA B 156 -29.72 5.81 -13.25
CA ALA B 156 -29.92 4.53 -13.97
C ALA B 156 -31.28 4.55 -14.65
N ARG B 157 -32.32 4.95 -13.91
CA ARG B 157 -33.69 5.06 -14.39
C ARG B 157 -33.81 6.11 -15.50
N ALA B 158 -33.22 7.31 -15.32
CA ALA B 158 -33.26 8.39 -16.31
C ALA B 158 -32.54 8.00 -17.61
N ALA B 159 -31.38 7.34 -17.51
CA ALA B 159 -30.59 6.86 -18.66
C ALA B 159 -31.44 5.89 -19.53
N LEU B 160 -32.03 4.89 -18.85
CA LEU B 160 -32.93 3.89 -19.43
C LEU B 160 -34.22 4.54 -19.99
N ASP B 161 -34.73 5.62 -19.34
CA ASP B 161 -35.92 6.35 -19.81
C ASP B 161 -35.65 7.05 -21.16
N LEU B 162 -34.48 7.74 -21.27
CA LEU B 162 -34.00 8.45 -22.45
C LEU B 162 -33.78 7.47 -23.58
N TYR B 163 -33.25 6.28 -23.28
CA TYR B 163 -33.06 5.20 -24.25
C TYR B 163 -34.40 4.70 -24.79
N PHE B 164 -35.37 4.43 -23.89
CA PHE B 164 -36.67 3.93 -24.31
C PHE B 164 -37.49 4.95 -25.12
N GLN B 165 -37.20 6.25 -24.95
CA GLN B 165 -37.85 7.33 -25.71
C GLN B 165 -37.45 7.33 -27.20
N HIS B 166 -36.39 6.58 -27.57
CA HIS B 166 -35.86 6.54 -28.95
C HIS B 166 -35.68 5.13 -29.47
N ARG B 167 -35.72 4.14 -28.57
CA ARG B 167 -35.54 2.73 -28.94
C ARG B 167 -36.69 1.83 -28.44
N PRO B 168 -36.86 0.60 -28.97
CA PRO B 168 -38.00 -0.23 -28.52
C PRO B 168 -37.87 -0.72 -27.10
N LYS B 169 -38.99 -0.67 -26.37
CA LYS B 169 -39.02 -1.13 -24.97
C LYS B 169 -39.00 -2.66 -24.88
N LYS B 170 -37.97 -3.16 -24.18
CA LYS B 170 -37.72 -4.60 -23.97
C LYS B 170 -37.22 -4.81 -22.51
N PRO B 171 -37.26 -6.04 -21.93
CA PRO B 171 -36.73 -6.21 -20.56
C PRO B 171 -35.21 -6.16 -20.54
N ILE B 172 -34.63 -6.42 -19.37
CA ILE B 172 -33.18 -6.51 -19.13
C ILE B 172 -32.91 -7.98 -18.81
N VAL B 173 -32.20 -8.65 -19.71
CA VAL B 173 -31.85 -10.08 -19.56
C VAL B 173 -30.52 -10.22 -18.84
N ALA B 174 -29.60 -9.30 -19.09
CA ALA B 174 -28.28 -9.39 -18.50
C ALA B 174 -27.69 -8.04 -18.15
N VAL B 175 -26.85 -8.05 -17.11
CA VAL B 175 -26.11 -6.89 -16.63
C VAL B 175 -24.66 -7.31 -16.40
N VAL B 176 -23.70 -6.44 -16.75
CA VAL B 176 -22.26 -6.63 -16.57
C VAL B 176 -21.77 -5.49 -15.70
N TYR B 177 -21.09 -5.83 -14.60
CA TYR B 177 -20.46 -4.89 -13.71
C TYR B 177 -19.02 -4.92 -14.17
N SER B 178 -18.56 -3.86 -14.85
CA SER B 178 -17.19 -3.79 -15.35
C SER B 178 -16.16 -3.95 -14.24
N HIS B 179 -16.41 -3.29 -13.08
CA HIS B 179 -15.53 -3.29 -11.92
C HIS B 179 -16.25 -2.87 -10.62
N SER B 180 -15.55 -3.02 -9.48
CA SER B 180 -16.03 -2.72 -8.14
C SER B 180 -16.12 -1.23 -7.72
N HIS B 181 -16.57 -0.32 -8.61
CA HIS B 181 -16.74 1.10 -8.25
C HIS B 181 -18.22 1.50 -8.24
N ILE B 182 -18.62 2.31 -7.24
CA ILE B 182 -20.03 2.74 -7.06
C ILE B 182 -20.68 3.39 -8.28
N ASP B 183 -19.88 4.04 -9.14
CA ASP B 183 -20.39 4.68 -10.36
C ASP B 183 -20.71 3.64 -11.44
N HIS B 184 -20.51 2.36 -11.12
CA HIS B 184 -20.74 1.29 -12.08
C HIS B 184 -21.79 0.27 -11.65
N PHE B 185 -21.99 0.09 -10.31
CA PHE B 185 -23.00 -0.84 -9.76
C PHE B 185 -24.14 -0.13 -9.00
N GLY B 186 -23.90 1.13 -8.62
CA GLY B 186 -24.77 1.95 -7.78
C GLY B 186 -26.24 2.09 -8.12
N GLY B 187 -26.58 2.03 -9.39
CA GLY B 187 -27.96 2.19 -9.83
C GLY B 187 -28.68 0.92 -10.24
N ALA B 188 -28.06 -0.25 -9.98
CA ALA B 188 -28.64 -1.58 -10.29
C ALA B 188 -30.11 -1.76 -9.79
N ARG B 189 -30.39 -1.56 -8.48
CA ARG B 189 -31.76 -1.70 -7.91
C ARG B 189 -32.82 -0.71 -8.43
N GLY B 190 -32.40 0.31 -9.17
CA GLY B 190 -33.33 1.29 -9.75
C GLY B 190 -33.92 0.82 -11.05
N ILE B 191 -33.28 -0.19 -11.68
CA ILE B 191 -33.71 -0.74 -12.97
C ILE B 191 -33.95 -2.27 -12.95
N ILE B 192 -33.33 -3.02 -12.00
CA ILE B 192 -33.50 -4.48 -11.87
C ILE B 192 -33.86 -4.92 -10.42
N ASP B 193 -34.36 -6.17 -10.26
CA ASP B 193 -34.73 -6.70 -8.93
C ASP B 193 -33.85 -7.87 -8.52
N GLU B 194 -33.32 -7.85 -7.26
CA GLU B 194 -32.47 -8.91 -6.65
C GLU B 194 -33.14 -10.29 -6.81
N ALA B 195 -34.48 -10.31 -6.63
CA ALA B 195 -35.28 -11.52 -6.76
C ALA B 195 -35.06 -12.21 -8.11
N ASP B 196 -35.04 -11.41 -9.22
CA ASP B 196 -34.83 -11.91 -10.59
C ASP B 196 -33.42 -12.44 -10.80
N VAL B 197 -32.43 -11.82 -10.11
CA VAL B 197 -31.02 -12.21 -10.16
C VAL B 197 -30.89 -13.57 -9.50
N LYS B 198 -31.32 -13.69 -8.23
CA LYS B 198 -31.28 -14.93 -7.45
C LYS B 198 -31.95 -16.11 -8.18
N ALA B 199 -33.04 -15.83 -8.92
CA ALA B 199 -33.79 -16.80 -9.71
C ALA B 199 -33.08 -17.20 -11.01
N GLY B 200 -32.14 -16.36 -11.46
CA GLY B 200 -31.41 -16.59 -12.70
C GLY B 200 -32.11 -16.09 -13.94
N LYS B 201 -33.19 -15.29 -13.76
CA LYS B 201 -33.95 -14.71 -14.88
C LYS B 201 -33.09 -13.61 -15.56
N VAL B 202 -32.28 -12.90 -14.74
CA VAL B 202 -31.36 -11.84 -15.12
C VAL B 202 -29.94 -12.31 -14.78
N LYS B 203 -29.05 -12.33 -15.79
CA LYS B 203 -27.67 -12.77 -15.61
C LYS B 203 -26.81 -11.56 -15.29
N VAL B 204 -26.22 -11.53 -14.08
CA VAL B 204 -25.40 -10.41 -13.62
C VAL B 204 -23.91 -10.83 -13.48
N PHE B 205 -23.08 -10.40 -14.44
CA PHE B 205 -21.65 -10.72 -14.52
C PHE B 205 -20.80 -9.70 -13.80
N ALA B 206 -19.71 -10.17 -13.15
CA ALA B 206 -18.76 -9.33 -12.41
C ALA B 206 -17.39 -10.01 -12.30
N PRO B 207 -16.28 -9.23 -12.29
CA PRO B 207 -14.95 -9.84 -12.16
C PRO B 207 -14.69 -10.45 -10.78
N SER B 208 -13.75 -11.40 -10.71
CA SER B 208 -13.34 -12.10 -9.48
C SER B 208 -13.10 -11.13 -8.32
N GLY B 209 -13.64 -11.47 -7.15
CA GLY B 209 -13.48 -10.69 -5.92
C GLY B 209 -14.29 -9.42 -5.76
N PHE B 210 -15.35 -9.25 -6.61
CA PHE B 210 -16.23 -8.09 -6.64
C PHE B 210 -16.83 -7.74 -5.29
N MET B 211 -17.62 -8.69 -4.71
CA MET B 211 -18.30 -8.49 -3.44
C MET B 211 -17.36 -8.05 -2.33
N GLU B 212 -16.22 -8.75 -2.14
CA GLU B 212 -15.20 -8.42 -1.14
C GLU B 212 -14.75 -6.95 -1.30
N HIS B 213 -14.56 -6.49 -2.54
CA HIS B 213 -14.09 -5.14 -2.85
C HIS B 213 -15.14 -4.06 -2.89
N ALA B 214 -16.28 -4.33 -3.55
CA ALA B 214 -17.38 -3.37 -3.61
C ALA B 214 -17.79 -2.92 -2.18
N VAL B 215 -17.75 -3.85 -1.20
CA VAL B 215 -18.13 -3.57 0.19
C VAL B 215 -17.01 -3.05 1.09
N SER B 216 -15.75 -3.53 0.92
CA SER B 216 -14.59 -3.15 1.75
C SER B 216 -13.97 -1.79 1.49
N GLU B 217 -13.65 -1.49 0.22
CA GLU B 217 -13.04 -0.22 -0.17
C GLU B 217 -14.01 0.98 0.00
N ASN B 218 -15.34 0.72 -0.11
CA ASN B 218 -16.45 1.69 -0.08
C ASN B 218 -17.23 1.85 1.25
N ILE B 219 -17.07 0.93 2.26
CA ILE B 219 -17.82 1.01 3.54
C ILE B 219 -16.97 0.98 4.83
N LEU B 220 -15.87 0.17 4.85
CA LEU B 220 -15.04 0.04 6.05
C LEU B 220 -14.29 1.33 6.21
N ALA B 221 -13.67 1.78 5.09
CA ALA B 221 -12.99 3.08 4.96
C ALA B 221 -14.00 4.17 4.50
N GLY B 222 -15.27 3.80 4.29
CA GLY B 222 -16.38 4.60 3.79
C GLY B 222 -16.59 6.04 4.21
N THR B 223 -16.77 6.28 5.50
CA THR B 223 -17.11 7.64 5.92
C THR B 223 -16.00 8.66 5.73
N ALA B 224 -14.74 8.23 5.75
CA ALA B 224 -13.58 9.09 5.50
C ALA B 224 -13.49 9.37 4.00
N MET B 225 -13.71 8.33 3.20
CA MET B 225 -13.71 8.31 1.75
C MET B 225 -14.81 9.27 1.22
N ALA B 226 -16.05 9.12 1.73
CA ALA B 226 -17.22 9.91 1.34
C ALA B 226 -17.07 11.41 1.60
N ARG B 227 -16.42 11.78 2.70
CA ARG B 227 -16.18 13.17 3.07
C ARG B 227 -15.00 13.76 2.31
N ARG B 228 -13.90 12.98 2.15
CA ARG B 228 -12.72 13.37 1.37
C ARG B 228 -13.12 13.49 -0.12
N GLY B 229 -14.07 12.67 -0.54
CA GLY B 229 -14.63 12.66 -1.90
C GLY B 229 -15.35 13.95 -2.22
N GLN B 230 -15.75 14.73 -1.20
CA GLN B 230 -16.43 16.03 -1.38
C GLN B 230 -15.46 17.05 -1.93
N TYR B 231 -14.18 16.93 -1.58
CA TYR B 231 -13.13 17.78 -2.10
C TYR B 231 -12.85 17.38 -3.55
N GLN B 232 -12.83 16.08 -3.84
CA GLN B 232 -12.62 15.55 -5.19
C GLN B 232 -13.72 15.98 -6.18
N SER B 233 -14.98 16.03 -5.71
CA SER B 233 -16.23 16.38 -6.42
C SER B 233 -16.53 17.86 -6.63
N GLY B 234 -16.22 18.69 -5.64
CA GLY B 234 -16.58 20.09 -5.65
C GLY B 234 -18.08 20.31 -5.52
N VAL B 235 -18.82 19.30 -4.97
CA VAL B 235 -20.29 19.28 -4.80
C VAL B 235 -20.87 20.45 -4.03
N MET B 236 -20.18 20.90 -2.97
CA MET B 236 -20.62 22.05 -2.16
C MET B 236 -20.21 23.38 -2.81
N VAL B 237 -19.39 23.34 -3.87
CA VAL B 237 -18.91 24.51 -4.61
C VAL B 237 -19.89 24.83 -5.76
N PRO B 238 -20.30 26.12 -5.93
CA PRO B 238 -21.21 26.46 -7.04
C PRO B 238 -20.55 26.24 -8.41
N ARG B 239 -21.35 26.28 -9.47
CA ARG B 239 -20.85 26.11 -10.82
C ARG B 239 -20.61 27.51 -11.39
N GLY B 240 -19.59 27.64 -12.23
CA GLY B 240 -19.20 28.91 -12.83
C GLY B 240 -17.70 29.04 -13.00
N ALA B 241 -17.28 29.92 -13.91
CA ALA B 241 -15.88 30.21 -14.26
C ALA B 241 -14.95 30.58 -13.06
N GLN B 242 -15.53 31.06 -11.94
CA GLN B 242 -14.79 31.41 -10.72
C GLN B 242 -14.86 30.28 -9.67
N ALA B 243 -15.65 29.20 -9.96
CA ALA B 243 -15.86 28.06 -9.07
C ALA B 243 -15.75 26.67 -9.78
N GLN B 244 -16.74 25.75 -9.58
CA GLN B 244 -16.73 24.41 -10.16
C GLN B 244 -17.00 24.41 -11.66
N VAL B 245 -16.12 23.81 -12.47
CA VAL B 245 -16.31 23.78 -13.92
C VAL B 245 -16.43 22.37 -14.54
N ASP B 246 -15.67 21.39 -14.00
CA ASP B 246 -15.61 20.01 -14.51
C ASP B 246 -14.92 19.09 -13.51
N SER B 247 -15.01 17.76 -13.75
CA SER B 247 -14.35 16.76 -12.92
C SER B 247 -13.46 15.77 -13.72
N GLY B 248 -12.98 16.23 -14.86
CA GLY B 248 -12.05 15.49 -15.71
C GLY B 248 -12.71 14.42 -16.52
N LEU B 249 -13.20 13.36 -15.86
CA LEU B 249 -13.87 12.22 -16.51
C LEU B 249 -15.38 12.34 -16.50
N PHE B 250 -15.90 13.45 -15.94
CA PHE B 250 -17.33 13.82 -15.84
C PHE B 250 -17.43 15.24 -15.32
N LYS B 251 -18.66 15.74 -15.16
CA LYS B 251 -18.90 17.09 -14.68
C LYS B 251 -18.71 17.21 -13.16
N THR B 252 -19.40 16.36 -12.37
CA THR B 252 -19.44 16.37 -10.89
C THR B 252 -20.08 15.07 -10.41
N THR B 253 -20.18 14.86 -9.07
CA THR B 253 -20.87 13.68 -8.51
C THR B 253 -22.36 13.95 -8.32
N ALA B 254 -23.14 12.87 -8.39
CA ALA B 254 -24.58 12.91 -8.20
C ALA B 254 -24.93 13.30 -6.76
N THR B 255 -25.94 14.16 -6.63
CA THR B 255 -26.42 14.70 -5.36
C THR B 255 -27.80 14.17 -4.94
N ASN B 256 -28.04 14.05 -3.62
CA ASN B 256 -29.32 13.63 -3.00
C ASN B 256 -29.92 12.35 -3.60
N ALA B 257 -29.07 11.37 -3.89
CA ALA B 257 -29.55 10.17 -4.54
C ALA B 257 -29.37 8.84 -3.80
N THR B 258 -29.84 7.76 -4.41
CA THR B 258 -29.78 6.44 -3.77
C THR B 258 -28.75 5.52 -4.44
N ASN B 259 -27.82 4.95 -3.63
CA ASN B 259 -26.80 4.00 -4.09
C ASN B 259 -27.20 2.58 -3.72
N THR B 260 -27.15 1.67 -4.69
CA THR B 260 -27.59 0.30 -4.51
C THR B 260 -26.46 -0.72 -4.75
N LEU B 261 -26.66 -1.95 -4.28
CA LEU B 261 -25.74 -3.04 -4.47
C LEU B 261 -26.52 -4.31 -4.69
N VAL B 262 -26.59 -4.77 -5.94
CA VAL B 262 -27.25 -6.04 -6.19
C VAL B 262 -26.21 -7.10 -6.52
N ALA B 263 -26.06 -8.09 -5.62
CA ALA B 263 -25.09 -9.18 -5.73
C ALA B 263 -25.07 -9.83 -7.12
N PRO B 264 -23.87 -10.08 -7.69
CA PRO B 264 -23.80 -10.71 -9.01
C PRO B 264 -24.21 -12.19 -9.00
N ASN B 265 -24.58 -12.66 -10.19
CA ASN B 265 -25.03 -14.00 -10.53
C ASN B 265 -23.81 -14.85 -10.87
N VAL B 266 -23.10 -14.47 -11.96
CA VAL B 266 -21.95 -15.16 -12.52
C VAL B 266 -20.64 -14.37 -12.42
N LEU B 267 -19.65 -14.98 -11.75
CA LEU B 267 -18.31 -14.44 -11.50
C LEU B 267 -17.27 -14.88 -12.53
N ILE B 268 -16.54 -13.91 -13.11
CA ILE B 268 -15.49 -14.16 -14.09
C ILE B 268 -14.21 -14.45 -13.30
N GLU B 269 -13.73 -15.70 -13.39
CA GLU B 269 -12.58 -16.14 -12.61
C GLU B 269 -11.30 -16.44 -13.41
N LYS B 270 -11.45 -16.75 -14.72
CA LYS B 270 -10.34 -17.06 -15.64
C LYS B 270 -9.80 -15.76 -16.30
N PRO B 271 -8.49 -15.67 -16.68
CA PRO B 271 -7.98 -14.43 -17.32
C PRO B 271 -8.75 -13.93 -18.53
N TYR B 272 -9.42 -14.84 -19.24
CA TYR B 272 -10.28 -14.58 -20.40
C TYR B 272 -11.46 -15.56 -20.32
N GLU B 273 -12.69 -15.06 -20.47
CA GLU B 273 -13.88 -15.90 -20.42
C GLU B 273 -14.87 -15.47 -21.47
N ARG B 274 -15.28 -16.41 -22.33
CA ARG B 274 -16.26 -16.13 -23.36
C ARG B 274 -17.61 -16.58 -22.86
N HIS B 275 -18.64 -15.74 -23.05
CA HIS B 275 -20.02 -16.00 -22.64
C HIS B 275 -20.99 -15.46 -23.65
N THR B 276 -22.08 -16.19 -23.85
CA THR B 276 -23.14 -15.78 -24.75
C THR B 276 -24.46 -15.71 -23.97
N VAL B 277 -25.19 -14.60 -24.14
CA VAL B 277 -26.45 -14.31 -23.45
C VAL B 277 -27.35 -13.49 -24.37
N ASP B 278 -28.56 -14.00 -24.68
CA ASP B 278 -29.54 -13.35 -25.58
C ASP B 278 -28.97 -13.07 -26.98
N GLY B 279 -28.16 -14.02 -27.48
CA GLY B 279 -27.53 -13.94 -28.78
C GLY B 279 -26.52 -12.81 -28.87
N VAL B 280 -25.83 -12.54 -27.74
CA VAL B 280 -24.81 -11.51 -27.61
C VAL B 280 -23.56 -12.21 -27.11
N GLU B 281 -22.47 -12.12 -27.90
CA GLU B 281 -21.18 -12.71 -27.56
C GLU B 281 -20.40 -11.69 -26.74
N LEU B 282 -19.88 -12.15 -25.59
CA LEU B 282 -19.10 -11.35 -24.66
C LEU B 282 -17.83 -12.11 -24.32
N GLU B 283 -16.68 -11.47 -24.53
CA GLU B 283 -15.38 -11.95 -24.12
C GLU B 283 -14.94 -10.95 -23.07
N PHE B 284 -14.68 -11.46 -21.87
CA PHE B 284 -14.24 -10.70 -20.71
C PHE B 284 -12.76 -10.96 -20.51
N GLN B 285 -12.01 -9.89 -20.23
CA GLN B 285 -10.57 -9.98 -19.94
C GLN B 285 -10.35 -9.43 -18.53
N LEU B 286 -9.98 -10.30 -17.57
CA LEU B 286 -9.74 -9.86 -16.20
C LEU B 286 -8.57 -8.88 -16.15
N THR B 287 -8.81 -7.67 -15.62
CA THR B 287 -7.74 -6.67 -15.44
C THR B 287 -7.61 -6.35 -13.95
N LEU B 288 -7.54 -7.39 -13.10
CA LEU B 288 -7.47 -7.26 -11.64
C LEU B 288 -6.30 -6.49 -11.10
N GLY B 289 -6.62 -5.48 -10.32
CA GLY B 289 -5.66 -4.63 -9.62
C GLY B 289 -5.22 -3.36 -10.31
N SER B 290 -5.68 -3.13 -11.57
CA SER B 290 -5.31 -1.93 -12.32
C SER B 290 -6.11 -0.71 -11.80
N GLU B 291 -7.12 -0.19 -12.55
CA GLU B 291 -7.96 0.93 -12.12
C GLU B 291 -8.84 0.57 -10.89
N ALA B 292 -9.20 -0.70 -10.73
CA ALA B 292 -9.99 -1.18 -9.61
C ALA B 292 -9.48 -2.56 -9.19
N PRO B 293 -9.61 -2.94 -7.89
CA PRO B 293 -9.13 -4.28 -7.48
C PRO B 293 -9.83 -5.45 -8.19
N SER B 294 -11.15 -5.33 -8.37
CA SER B 294 -11.98 -6.28 -9.10
C SER B 294 -12.35 -5.52 -10.36
N ASP B 295 -11.78 -5.94 -11.51
CA ASP B 295 -11.89 -5.20 -12.77
C ASP B 295 -11.76 -6.09 -14.01
N MET B 296 -12.31 -5.61 -15.15
CA MET B 296 -12.25 -6.33 -16.43
C MET B 296 -12.63 -5.49 -17.62
N ASN B 297 -12.20 -5.92 -18.82
CA ASN B 297 -12.55 -5.32 -20.10
C ASN B 297 -13.56 -6.25 -20.77
N ILE B 298 -14.35 -5.71 -21.68
CA ILE B 298 -15.36 -6.51 -22.35
C ILE B 298 -15.24 -6.29 -23.84
N TYR B 299 -14.88 -7.36 -24.57
CA TYR B 299 -14.79 -7.29 -26.03
C TYR B 299 -16.07 -7.88 -26.60
N LEU B 300 -16.53 -7.28 -27.69
CA LEU B 300 -17.73 -7.71 -28.38
C LEU B 300 -17.34 -8.25 -29.75
N PRO B 301 -17.04 -9.57 -29.83
CA PRO B 301 -16.59 -10.14 -31.11
C PRO B 301 -17.54 -9.91 -32.29
N GLN B 302 -18.86 -9.93 -32.05
CA GLN B 302 -19.90 -9.70 -33.06
C GLN B 302 -19.87 -8.28 -33.61
N PHE B 303 -19.52 -7.30 -32.76
CA PHE B 303 -19.53 -5.88 -33.08
C PHE B 303 -18.17 -5.31 -33.47
N LYS B 304 -17.07 -6.04 -33.15
CA LYS B 304 -15.69 -5.58 -33.39
C LYS B 304 -15.42 -4.24 -32.62
N VAL B 305 -16.01 -4.16 -31.39
CA VAL B 305 -15.89 -3.04 -30.46
C VAL B 305 -15.25 -3.52 -29.17
N LEU B 306 -14.40 -2.68 -28.56
CA LEU B 306 -13.74 -3.01 -27.31
C LEU B 306 -14.14 -2.03 -26.22
N ASN B 307 -14.57 -2.56 -25.07
CA ASN B 307 -14.93 -1.75 -23.93
C ASN B 307 -13.91 -1.98 -22.83
N THR B 308 -13.18 -0.91 -22.49
CA THR B 308 -12.07 -0.91 -21.53
C THR B 308 -12.44 -0.43 -20.14
N ALA B 309 -13.76 -0.43 -19.79
CA ALA B 309 -14.24 0.04 -18.48
C ALA B 309 -13.61 1.43 -18.22
N ASP B 310 -12.86 1.59 -17.12
CA ASP B 310 -12.13 2.83 -16.76
C ASP B 310 -10.60 2.63 -16.88
N ASN B 311 -10.18 1.56 -17.56
CA ASN B 311 -8.78 1.18 -17.72
C ASN B 311 -7.95 2.08 -18.63
N ALA B 312 -8.59 2.82 -19.54
CA ALA B 312 -7.84 3.69 -20.44
C ALA B 312 -8.68 4.89 -20.87
N PRO B 313 -9.04 5.80 -19.95
CA PRO B 313 -9.87 6.94 -20.34
C PRO B 313 -9.11 8.12 -20.97
N PRO B 314 -9.81 9.08 -21.62
CA PRO B 314 -9.11 10.21 -22.27
C PRO B 314 -8.61 11.33 -21.35
N ALA B 315 -7.84 10.92 -20.32
CA ALA B 315 -7.18 11.74 -19.29
C ALA B 315 -6.32 10.77 -18.48
N MET B 316 -5.30 11.29 -17.79
CA MET B 316 -4.45 10.45 -16.94
C MET B 316 -5.34 10.05 -15.78
N HIS B 317 -5.33 8.76 -15.42
CA HIS B 317 -6.16 8.32 -14.29
C HIS B 317 -5.32 8.39 -13.01
N ASN B 318 -5.92 8.07 -11.86
CA ASN B 318 -5.19 8.13 -10.59
C ASN B 318 -4.53 6.81 -10.22
N LEU B 319 -3.34 6.88 -9.64
CA LEU B 319 -2.70 5.69 -9.06
C LEU B 319 -3.03 5.71 -7.55
N LEU B 320 -3.38 6.93 -7.05
CA LEU B 320 -3.87 7.20 -5.71
C LEU B 320 -4.99 8.24 -5.78
N THR B 321 -6.27 7.77 -5.71
CA THR B 321 -7.42 8.67 -5.76
C THR B 321 -7.49 9.62 -4.57
N PRO B 322 -7.81 10.92 -4.82
CA PRO B 322 -7.78 11.92 -3.73
C PRO B 322 -8.77 11.73 -2.58
N ARG B 323 -9.84 10.94 -2.80
CA ARG B 323 -10.85 10.61 -1.78
C ARG B 323 -10.29 9.61 -0.76
N GLY B 324 -9.24 8.92 -1.16
CA GLY B 324 -8.58 7.89 -0.38
C GLY B 324 -8.91 6.53 -0.92
N ALA B 325 -7.86 5.70 -1.11
CA ALA B 325 -7.95 4.32 -1.60
C ALA B 325 -6.60 3.62 -1.52
N GLU B 326 -6.60 2.31 -1.81
CA GLU B 326 -5.39 1.51 -1.90
C GLU B 326 -4.67 1.92 -3.20
N VAL B 327 -3.32 2.06 -3.19
CA VAL B 327 -2.56 2.39 -4.42
C VAL B 327 -2.78 1.35 -5.48
N ARG B 328 -2.70 1.79 -6.74
CA ARG B 328 -2.87 0.92 -7.90
C ARG B 328 -1.51 0.56 -8.48
N ASP B 329 -1.45 -0.55 -9.23
CA ASP B 329 -0.19 -1.01 -9.81
C ASP B 329 -0.09 -0.54 -11.25
N ALA B 330 0.71 0.50 -11.53
CA ALA B 330 0.90 1.04 -12.89
C ALA B 330 1.51 0.00 -13.83
N LYS B 331 2.40 -0.90 -13.31
CA LYS B 331 3.02 -1.97 -14.08
C LYS B 331 1.97 -2.94 -14.59
N ALA B 332 1.05 -3.34 -13.73
CA ALA B 332 -0.02 -4.26 -14.09
C ALA B 332 -1.02 -3.56 -15.02
N TRP B 333 -1.31 -2.28 -14.77
CA TRP B 333 -2.21 -1.46 -15.58
C TRP B 333 -1.69 -1.40 -17.02
N ALA B 334 -0.40 -1.00 -17.23
CA ALA B 334 0.22 -0.98 -18.56
C ALA B 334 0.19 -2.35 -19.25
N GLY B 335 0.44 -3.42 -18.50
CA GLY B 335 0.39 -4.79 -18.99
C GLY B 335 -0.98 -5.26 -19.45
N TYR B 336 -2.06 -4.75 -18.81
CA TYR B 336 -3.45 -5.07 -19.15
C TYR B 336 -3.90 -4.27 -20.39
N ILE B 337 -3.40 -3.03 -20.57
CA ILE B 337 -3.69 -2.18 -21.73
C ILE B 337 -3.04 -2.89 -22.94
N ASP B 338 -1.76 -3.26 -22.82
CA ASP B 338 -0.96 -3.95 -23.83
C ASP B 338 -1.56 -5.31 -24.17
N ALA B 339 -2.07 -6.07 -23.19
CA ALA B 339 -2.69 -7.37 -23.44
C ALA B 339 -3.99 -7.17 -24.19
N SER B 340 -4.68 -6.05 -23.93
CA SER B 340 -5.89 -5.72 -24.67
C SER B 340 -5.50 -5.29 -26.10
N LEU B 341 -4.35 -4.59 -26.30
CA LEU B 341 -3.88 -4.19 -27.63
C LEU B 341 -3.55 -5.40 -28.50
N GLU B 342 -2.81 -6.36 -27.96
CA GLU B 342 -2.42 -7.58 -28.66
C GLU B 342 -3.65 -8.48 -28.97
N LYS B 343 -4.52 -8.74 -27.98
CA LYS B 343 -5.69 -9.61 -28.16
C LYS B 343 -6.82 -9.03 -29.00
N TYR B 344 -7.04 -7.70 -28.92
CA TYR B 344 -8.17 -7.07 -29.60
C TYR B 344 -7.88 -5.96 -30.61
N GLY B 345 -6.69 -5.36 -30.55
CA GLY B 345 -6.26 -4.26 -31.42
C GLY B 345 -6.52 -4.44 -32.90
N ASP B 346 -6.22 -5.63 -33.44
CA ASP B 346 -6.43 -5.95 -34.86
C ASP B 346 -7.89 -6.28 -35.21
N ARG B 347 -8.72 -6.61 -34.17
CA ARG B 347 -10.15 -7.00 -34.20
C ARG B 347 -11.11 -5.89 -33.73
N THR B 348 -10.63 -4.65 -33.57
CA THR B 348 -11.47 -3.57 -33.05
C THR B 348 -11.52 -2.34 -33.94
N ASP B 349 -12.75 -1.91 -34.23
CA ASP B 349 -13.04 -0.74 -35.07
C ASP B 349 -13.31 0.50 -34.26
N VAL B 350 -13.95 0.34 -33.11
CA VAL B 350 -14.27 1.44 -32.21
C VAL B 350 -14.12 1.00 -30.79
N LEU B 351 -13.35 1.76 -30.03
CA LEU B 351 -13.15 1.51 -28.61
C LEU B 351 -14.18 2.33 -27.83
N ILE B 352 -14.86 1.70 -26.85
CA ILE B 352 -15.81 2.40 -25.99
C ILE B 352 -15.38 2.33 -24.52
N GLN B 353 -15.86 3.26 -23.70
CA GLN B 353 -15.49 3.31 -22.30
C GLN B 353 -16.69 3.58 -21.38
N GLN B 354 -16.47 3.50 -20.07
CA GLN B 354 -17.53 3.75 -19.09
C GLN B 354 -17.43 5.17 -18.50
N HIS B 355 -16.55 5.98 -19.08
CA HIS B 355 -16.38 7.41 -18.84
C HIS B 355 -15.93 7.93 -20.17
N ASN B 356 -16.51 9.08 -20.59
CA ASN B 356 -16.20 9.79 -21.83
C ASN B 356 -16.54 9.11 -23.16
N TRP B 357 -16.10 9.76 -24.25
CA TRP B 357 -16.35 9.47 -25.65
C TRP B 357 -15.62 8.24 -26.25
N PRO B 358 -16.14 7.66 -27.35
CA PRO B 358 -15.44 6.52 -27.99
C PRO B 358 -14.36 6.96 -29.00
N VAL B 359 -13.33 6.13 -29.25
CA VAL B 359 -12.33 6.45 -30.26
C VAL B 359 -12.57 5.51 -31.45
N TRP B 360 -12.78 6.09 -32.66
CA TRP B 360 -13.11 5.32 -33.87
C TRP B 360 -11.95 5.05 -34.80
N GLY B 361 -12.03 3.91 -35.49
CA GLY B 361 -11.05 3.48 -36.47
C GLY B 361 -9.91 2.73 -35.82
N GLY B 362 -9.70 1.50 -36.27
CA GLY B 362 -8.66 0.59 -35.79
C GLY B 362 -7.32 1.24 -35.54
N ASP B 363 -6.85 2.07 -36.49
CA ASP B 363 -5.56 2.77 -36.37
C ASP B 363 -5.53 3.79 -35.24
N LYS B 364 -6.63 4.57 -35.07
CA LYS B 364 -6.73 5.54 -33.98
C LYS B 364 -6.86 4.87 -32.62
N VAL B 365 -7.52 3.68 -32.58
CA VAL B 365 -7.65 2.87 -31.36
C VAL B 365 -6.28 2.28 -30.96
N ARG B 366 -5.50 1.77 -31.95
CA ARG B 366 -4.17 1.19 -31.74
C ARG B 366 -3.17 2.19 -31.21
N THR B 367 -3.18 3.43 -31.73
CA THR B 367 -2.33 4.55 -31.29
C THR B 367 -2.71 4.92 -29.85
N TYR B 368 -4.03 5.06 -29.59
CA TYR B 368 -4.58 5.43 -28.30
C TYR B 368 -4.13 4.41 -27.23
N LEU B 369 -4.38 3.10 -27.46
CA LEU B 369 -3.95 2.02 -26.58
C LEU B 369 -2.47 2.02 -26.28
N ALA B 370 -1.63 2.10 -27.32
CA ALA B 370 -0.19 2.12 -27.14
C ALA B 370 0.28 3.34 -26.34
N ASP B 371 -0.35 4.52 -26.54
CA ASP B 371 -0.02 5.75 -25.80
C ASP B 371 -0.36 5.58 -24.29
N GLN B 372 -1.57 5.02 -24.03
CA GLN B 372 -2.11 4.73 -22.70
C GLN B 372 -1.14 3.78 -21.98
N ARG B 373 -0.84 2.62 -22.61
CA ARG B 373 0.11 1.63 -22.11
C ARG B 373 1.42 2.31 -21.73
N ASP B 374 2.04 3.02 -22.68
CA ASP B 374 3.28 3.76 -22.49
C ASP B 374 3.24 4.76 -21.32
N MET B 375 2.10 5.45 -21.11
CA MET B 375 1.93 6.46 -20.06
C MET B 375 2.06 5.84 -18.66
N TYR B 376 1.43 4.66 -18.48
CA TYR B 376 1.49 3.94 -17.21
C TYR B 376 2.82 3.29 -16.96
N ALA B 377 3.43 2.66 -18.00
CA ALA B 377 4.75 2.04 -17.83
C ALA B 377 5.79 3.11 -17.51
N PHE B 378 5.63 4.33 -18.08
CA PHE B 378 6.52 5.44 -17.77
C PHE B 378 6.43 5.82 -16.29
N LEU B 379 5.20 5.93 -15.79
CA LEU B 379 4.98 6.31 -14.40
C LEU B 379 5.70 5.35 -13.47
N ASN B 380 5.51 4.04 -13.69
CA ASN B 380 6.16 3.00 -12.91
C ASN B 380 7.68 3.03 -13.08
N ASN B 381 8.16 2.86 -14.33
CA ASN B 381 9.59 2.78 -14.68
C ASN B 381 10.42 4.01 -14.37
N ARG B 382 9.93 5.22 -14.65
CA ARG B 382 10.70 6.44 -14.36
C ARG B 382 10.84 6.65 -12.86
N ALA B 383 9.74 6.47 -12.12
CA ALA B 383 9.74 6.59 -10.65
C ALA B 383 10.72 5.61 -10.05
N LEU B 384 10.63 4.31 -10.43
CA LEU B 384 11.53 3.24 -9.95
C LEU B 384 12.98 3.57 -10.28
N ASN B 385 13.20 4.19 -11.45
CA ASN B 385 14.53 4.63 -11.89
C ASN B 385 15.04 5.67 -10.89
N LEU B 386 14.29 6.76 -10.68
CA LEU B 386 14.67 7.84 -9.77
C LEU B 386 14.76 7.43 -8.30
N MET B 387 13.94 6.45 -7.85
CA MET B 387 13.96 5.91 -6.50
C MET B 387 15.34 5.25 -6.26
N ASN B 388 15.78 4.40 -7.24
CA ASN B 388 17.05 3.69 -7.24
C ASN B 388 18.29 4.61 -7.31
N LYS B 389 18.09 5.87 -7.72
CA LYS B 389 19.10 6.92 -7.78
C LYS B 389 19.11 7.71 -6.45
N GLY B 390 18.17 7.38 -5.57
CA GLY B 390 18.07 7.96 -4.24
C GLY B 390 17.10 9.11 -4.07
N LEU B 391 16.28 9.38 -5.10
CA LEU B 391 15.29 10.46 -5.02
C LEU B 391 14.10 10.07 -4.13
N THR B 392 13.57 11.05 -3.36
CA THR B 392 12.42 10.87 -2.46
C THR B 392 11.15 11.38 -3.14
N LEU B 393 9.99 10.85 -2.73
CA LEU B 393 8.68 11.12 -3.34
C LEU B 393 8.46 12.52 -3.92
N HIS B 394 8.80 13.56 -3.15
CA HIS B 394 8.62 14.95 -3.57
C HIS B 394 9.68 15.45 -4.55
N GLU B 395 10.91 14.93 -4.39
CA GLU B 395 12.06 15.20 -5.23
C GLU B 395 11.70 14.69 -6.64
N ILE B 396 11.14 13.46 -6.73
CA ILE B 396 10.74 12.89 -8.02
C ILE B 396 9.57 13.66 -8.71
N ALA B 397 8.62 14.16 -7.91
CA ALA B 397 7.52 14.96 -8.46
C ALA B 397 8.06 16.25 -9.13
N ALA B 398 9.08 16.88 -8.50
CA ALA B 398 9.73 18.10 -9.03
C ALA B 398 10.62 17.82 -10.27
N GLU B 399 11.28 16.65 -10.28
CA GLU B 399 12.17 16.30 -11.37
C GLU B 399 11.44 15.93 -12.63
N VAL B 400 10.33 15.21 -12.53
CA VAL B 400 9.65 14.79 -13.76
C VAL B 400 8.96 15.90 -14.59
N SER B 401 7.90 16.54 -14.09
CA SER B 401 7.23 17.64 -14.82
C SER B 401 6.51 17.35 -16.18
N LYS B 402 7.01 16.46 -17.06
CA LYS B 402 6.34 16.18 -18.34
C LYS B 402 6.36 14.71 -18.75
N LEU B 403 5.37 14.24 -19.56
CA LEU B 403 5.36 12.87 -20.12
C LEU B 403 6.36 12.87 -21.28
N PRO B 404 6.99 11.72 -21.61
CA PRO B 404 8.04 11.75 -22.66
C PRO B 404 7.56 11.72 -24.10
N GLY B 405 8.43 12.19 -25.00
CA GLY B 405 8.24 12.21 -26.44
C GLY B 405 6.94 12.84 -26.89
N GLU B 406 6.17 12.07 -27.68
CA GLU B 406 4.89 12.49 -28.23
C GLU B 406 3.71 12.45 -27.23
N LEU B 407 3.94 11.83 -26.04
CA LEU B 407 2.95 11.72 -24.97
C LEU B 407 2.51 13.09 -24.38
N ASP B 408 3.37 14.12 -24.45
CA ASP B 408 3.05 15.48 -23.97
C ASP B 408 2.11 16.23 -24.95
N ARG B 409 2.02 15.79 -26.23
CA ARG B 409 1.14 16.47 -27.20
C ARG B 409 -0.26 15.87 -27.38
N LYS B 410 -0.58 14.74 -26.69
CA LYS B 410 -1.90 14.09 -26.76
C LYS B 410 -2.90 14.67 -25.73
N TRP B 411 -4.10 15.10 -26.18
CA TRP B 411 -5.15 15.66 -25.32
C TRP B 411 -5.63 14.61 -24.29
N TYR B 412 -5.75 13.34 -24.75
CA TYR B 412 -6.22 12.21 -23.97
C TYR B 412 -5.24 11.64 -22.92
N LEU B 413 -4.05 12.27 -22.79
CA LEU B 413 -3.00 11.86 -21.86
C LEU B 413 -2.70 12.97 -20.83
N ARG B 414 -3.41 14.13 -20.92
CA ARG B 414 -3.25 15.27 -19.99
C ARG B 414 -3.69 14.93 -18.56
N SER B 415 -3.15 15.68 -17.58
CA SER B 415 -3.42 15.54 -16.15
C SER B 415 -4.76 16.19 -15.69
N TYR B 416 -5.89 15.69 -16.22
CA TYR B 416 -7.22 16.22 -15.89
C TYR B 416 -7.88 15.54 -14.71
N TYR B 417 -7.58 14.26 -14.49
CA TYR B 417 -8.16 13.48 -13.40
C TYR B 417 -7.03 13.11 -12.49
N GLY B 418 -6.15 12.23 -12.98
CA GLY B 418 -4.93 11.88 -12.27
C GLY B 418 -3.93 12.99 -12.44
N ALA B 419 -2.95 13.06 -11.56
CA ALA B 419 -1.93 14.08 -11.69
C ALA B 419 -0.58 13.41 -11.80
N LEU B 420 0.29 13.92 -12.69
CA LEU B 420 1.62 13.35 -12.89
C LEU B 420 2.45 13.39 -11.61
N SER B 421 2.41 14.51 -10.88
CA SER B 421 3.09 14.68 -9.59
C SER B 421 2.58 13.64 -8.54
N THR B 422 1.24 13.59 -8.35
CA THR B 422 0.56 12.70 -7.42
C THR B 422 0.91 11.23 -7.70
N ASN B 423 0.81 10.84 -8.98
CA ASN B 423 1.09 9.49 -9.46
C ASN B 423 2.52 9.05 -9.28
N LEU B 424 3.47 9.96 -9.50
CA LEU B 424 4.88 9.65 -9.27
C LEU B 424 5.11 9.42 -7.76
N ARG B 425 4.50 10.28 -6.91
CA ARG B 425 4.54 10.16 -5.46
C ARG B 425 3.89 8.82 -5.05
N ALA B 426 2.79 8.45 -5.71
CA ALA B 426 2.07 7.20 -5.47
C ALA B 426 2.89 5.94 -5.73
N VAL B 427 3.72 5.94 -6.82
CA VAL B 427 4.61 4.80 -7.19
C VAL B 427 5.66 4.65 -6.05
N TYR B 428 6.13 5.78 -5.49
CA TYR B 428 7.03 5.81 -4.35
C TYR B 428 6.36 5.17 -3.15
N GLN B 429 5.12 5.61 -2.80
CA GLN B 429 4.29 5.05 -1.72
C GLN B 429 4.10 3.54 -1.90
N ARG B 430 3.66 3.13 -3.09
CA ARG B 430 3.44 1.72 -3.38
C ARG B 430 4.67 0.80 -3.16
N TYR B 431 5.87 1.22 -3.61
CA TYR B 431 7.09 0.40 -3.52
C TYR B 431 7.90 0.63 -2.28
N LEU B 432 7.82 1.85 -1.70
CA LEU B 432 8.61 2.18 -0.51
C LEU B 432 7.77 2.63 0.67
N GLY B 433 6.77 3.47 0.42
CA GLY B 433 5.87 3.95 1.46
C GLY B 433 6.00 5.41 1.76
N PHE B 434 5.17 5.91 2.71
CA PHE B 434 5.14 7.30 3.12
C PHE B 434 6.46 7.83 3.63
N TYR B 435 7.28 6.93 4.25
CA TYR B 435 8.55 7.27 4.89
C TYR B 435 9.66 7.34 3.90
N ASP B 436 10.34 8.50 3.82
CA ASP B 436 11.40 8.75 2.83
C ASP B 436 12.78 8.12 3.07
N GLY B 437 12.98 7.55 4.26
CA GLY B 437 14.24 6.91 4.64
C GLY B 437 15.06 7.76 5.60
N ASN B 438 14.91 9.11 5.51
CA ASN B 438 15.55 10.12 6.34
C ASN B 438 14.98 10.05 7.75
N PRO B 439 15.80 9.75 8.76
CA PRO B 439 15.25 9.62 10.13
C PRO B 439 14.57 10.87 10.71
N ALA B 440 14.88 12.06 10.18
CA ALA B 440 14.22 13.29 10.67
C ALA B 440 12.68 13.21 10.48
N ASN B 441 12.24 12.48 9.44
CA ASN B 441 10.82 12.27 9.14
C ASN B 441 10.31 10.90 9.67
N LEU B 442 11.01 10.32 10.68
CA LEU B 442 10.62 9.03 11.24
C LEU B 442 9.36 9.13 12.10
N ASP B 443 9.24 10.18 12.92
CA ASP B 443 8.09 10.42 13.78
C ASP B 443 7.58 11.87 13.64
N PRO B 444 6.86 12.20 12.55
CA PRO B 444 6.43 13.58 12.34
C PRO B 444 5.39 14.04 13.32
N PHE B 445 5.37 15.37 13.60
CA PHE B 445 4.41 16.01 14.48
C PHE B 445 3.05 16.13 13.75
N PRO B 446 1.93 15.94 14.51
CA PRO B 446 0.60 16.07 13.88
C PRO B 446 0.31 17.51 13.40
N PRO B 447 -0.61 17.73 12.45
CA PRO B 447 -0.82 19.09 11.90
C PRO B 447 -0.87 20.27 12.88
N VAL B 448 -1.78 20.22 13.84
CA VAL B 448 -1.96 21.25 14.86
C VAL B 448 -0.68 21.48 15.70
N GLU B 449 0.02 20.41 16.07
CA GLU B 449 1.26 20.51 16.85
C GLU B 449 2.42 21.08 16.05
N ALA B 450 2.58 20.63 14.80
CA ALA B 450 3.65 21.11 13.92
C ALA B 450 3.42 22.61 13.61
N GLY B 451 2.16 22.96 13.29
CA GLY B 451 1.72 24.32 12.97
C GLY B 451 2.06 25.34 14.05
N LYS B 452 1.85 24.98 15.32
CA LYS B 452 2.14 25.81 16.49
C LYS B 452 3.64 26.11 16.63
N ARG B 453 4.49 25.04 16.57
CA ARG B 453 5.94 25.21 16.71
CA ARG B 453 5.96 25.08 16.67
C ARG B 453 6.58 25.88 15.52
N TYR B 454 6.03 25.70 14.30
CA TYR B 454 6.55 26.39 13.11
C TYR B 454 6.22 27.90 13.16
N VAL B 455 4.95 28.27 13.48
CA VAL B 455 4.48 29.66 13.61
C VAL B 455 5.35 30.43 14.61
N GLU B 456 5.64 29.78 15.76
CA GLU B 456 6.52 30.29 16.81
C GLU B 456 7.94 30.51 16.21
N ALA B 457 8.50 29.48 15.55
CA ALA B 457 9.82 29.52 14.91
C ALA B 457 9.91 30.58 13.83
N MET B 458 8.77 30.89 13.19
CA MET B 458 8.71 31.87 12.12
C MET B 458 8.47 33.34 12.59
N GLY B 459 8.36 33.55 13.90
CA GLY B 459 8.18 34.87 14.50
C GLY B 459 6.84 35.18 15.15
N GLY B 460 5.85 34.31 14.95
CA GLY B 460 4.53 34.49 15.50
C GLY B 460 3.49 34.74 14.44
N ALA B 461 2.21 34.62 14.85
CA ALA B 461 1.01 34.77 14.02
C ALA B 461 1.04 35.95 13.05
N ASP B 462 1.44 37.15 13.54
CA ASP B 462 1.54 38.37 12.74
C ASP B 462 2.68 38.24 11.71
N ALA B 463 3.84 37.71 12.14
CA ALA B 463 5.01 37.55 11.30
C ALA B 463 4.73 36.59 10.15
N VAL B 464 4.09 35.45 10.46
CA VAL B 464 3.72 34.45 9.45
C VAL B 464 2.69 35.05 8.45
N LEU B 465 1.79 35.92 8.95
CA LEU B 465 0.76 36.63 8.16
C LEU B 465 1.38 37.64 7.16
N LYS B 466 2.46 38.33 7.57
CA LYS B 466 3.17 39.31 6.74
C LYS B 466 3.90 38.56 5.61
N GLN B 467 4.51 37.42 5.96
CA GLN B 467 5.23 36.52 5.07
C GLN B 467 4.27 35.89 4.05
N MET B 468 3.08 35.51 4.52
CA MET B 468 2.01 34.94 3.72
C MET B 468 1.57 35.97 2.66
N ARG B 469 1.41 37.25 3.08
CA ARG B 469 0.99 38.35 2.21
C ARG B 469 2.03 38.61 1.11
N ALA B 470 3.33 38.47 1.46
CA ALA B 470 4.46 38.66 0.55
C ALA B 470 4.41 37.59 -0.56
N ALA B 471 4.17 36.33 -0.16
CA ALA B 471 4.07 35.17 -1.06
C ALA B 471 2.97 35.34 -2.10
N ILE B 472 1.80 35.90 -1.72
CA ILE B 472 0.70 36.09 -2.68
C ILE B 472 1.04 37.18 -3.71
N ASP B 473 1.64 38.30 -3.22
CA ASP B 473 2.08 39.47 -4.01
C ASP B 473 3.07 39.04 -5.09
N LYS B 474 4.00 38.15 -4.70
CA LYS B 474 5.04 37.54 -5.52
C LYS B 474 4.43 36.56 -6.56
N GLY B 475 3.29 35.94 -6.21
CA GLY B 475 2.61 34.97 -7.05
C GLY B 475 3.00 33.54 -6.71
N ASP B 476 3.65 33.36 -5.53
CA ASP B 476 4.10 32.07 -4.99
C ASP B 476 3.02 31.55 -4.03
N TYR B 477 1.83 31.26 -4.61
CA TYR B 477 0.65 30.78 -3.91
C TYR B 477 0.87 29.40 -3.27
N ARG B 478 1.83 28.62 -3.84
CA ARG B 478 2.21 27.30 -3.34
C ARG B 478 2.85 27.44 -1.96
N TRP B 479 3.78 28.41 -1.81
CA TRP B 479 4.43 28.64 -0.52
C TRP B 479 3.46 29.29 0.43
N ALA B 480 2.64 30.24 -0.05
CA ALA B 480 1.61 30.90 0.74
C ALA B 480 0.73 29.88 1.49
N VAL B 481 0.21 28.84 0.78
CA VAL B 481 -0.66 27.79 1.37
C VAL B 481 0.04 26.94 2.44
N GLN B 482 1.37 26.75 2.33
CA GLN B 482 2.14 26.00 3.32
C GLN B 482 2.21 26.78 4.64
N LEU B 483 2.38 28.13 4.59
CA LEU B 483 2.43 29.01 5.77
C LEU B 483 1.02 29.07 6.41
N GLY B 484 0.02 29.34 5.58
CA GLY B 484 -1.37 29.43 5.95
C GLY B 484 -1.91 28.20 6.66
N ASN B 485 -1.43 27.00 6.25
CA ASN B 485 -1.84 25.74 6.87
C ASN B 485 -1.30 25.66 8.29
N HIS B 486 -0.06 26.10 8.51
CA HIS B 486 0.57 26.10 9.82
C HIS B 486 -0.18 27.01 10.77
N LEU B 487 -0.59 28.21 10.29
CA LEU B 487 -1.32 29.17 11.10
C LEU B 487 -2.72 28.73 11.43
N VAL B 488 -3.52 28.34 10.38
CA VAL B 488 -4.90 27.87 10.53
C VAL B 488 -4.99 26.68 11.53
N PHE B 489 -4.03 25.74 11.50
CA PHE B 489 -4.03 24.62 12.44
C PHE B 489 -3.59 25.01 13.86
N ALA B 490 -2.68 25.98 13.98
CA ALA B 490 -2.20 26.48 15.27
C ALA B 490 -3.33 27.26 15.98
N ASP B 491 -4.16 27.96 15.18
CA ASP B 491 -5.29 28.76 15.66
C ASP B 491 -6.29 28.95 14.52
N PRO B 492 -7.35 28.13 14.43
CA PRO B 492 -8.33 28.31 13.34
C PRO B 492 -9.21 29.55 13.52
N ALA B 493 -9.00 30.29 14.64
CA ALA B 493 -9.70 31.52 14.99
C ALA B 493 -9.18 32.73 14.17
N ASN B 494 -7.90 32.69 13.74
CA ASN B 494 -7.27 33.76 12.95
C ASN B 494 -7.95 33.87 11.58
N LYS B 495 -9.03 34.69 11.53
CA LYS B 495 -9.87 34.90 10.34
C LYS B 495 -9.14 35.52 9.16
N ASP B 496 -8.03 36.23 9.46
CA ASP B 496 -7.14 36.85 8.46
C ASP B 496 -6.31 35.74 7.77
N ALA B 497 -5.75 34.79 8.57
CA ALA B 497 -4.97 33.64 8.10
C ALA B 497 -5.80 32.73 7.17
N ARG B 498 -7.06 32.52 7.56
CA ARG B 498 -8.03 31.71 6.85
C ARG B 498 -8.34 32.32 5.48
N ALA B 499 -8.70 33.62 5.46
CA ALA B 499 -9.07 34.36 4.25
C ALA B 499 -7.92 34.40 3.24
N LEU B 500 -6.69 34.56 3.75
CA LEU B 500 -5.47 34.62 2.95
C LEU B 500 -5.17 33.27 2.34
N GLN B 501 -5.15 32.20 3.18
CA GLN B 501 -4.92 30.84 2.67
C GLN B 501 -5.98 30.44 1.64
N ALA B 502 -7.23 30.89 1.83
CA ALA B 502 -8.32 30.62 0.90
C ALA B 502 -8.09 31.35 -0.43
N ASP B 503 -7.57 32.59 -0.36
CA ASP B 503 -7.27 33.44 -1.52
C ASP B 503 -6.17 32.83 -2.42
N ALA B 504 -5.10 32.32 -1.76
CA ALA B 504 -3.95 31.68 -2.39
C ALA B 504 -4.34 30.35 -3.04
N MET B 505 -5.17 29.52 -2.35
CA MET B 505 -5.70 28.24 -2.81
C MET B 505 -6.54 28.44 -4.07
N GLU B 506 -7.42 29.45 -4.02
CA GLU B 506 -8.33 29.87 -5.08
C GLU B 506 -7.58 30.16 -6.37
N GLN B 507 -6.44 30.88 -6.26
CA GLN B 507 -5.54 31.24 -7.37
C GLN B 507 -4.91 29.97 -7.96
N LEU B 508 -4.53 29.00 -7.09
CA LEU B 508 -3.99 27.69 -7.49
C LEU B 508 -5.04 26.89 -8.28
N GLY B 509 -6.31 27.10 -7.90
CA GLY B 509 -7.47 26.50 -8.54
C GLY B 509 -7.73 27.10 -9.89
N TYR B 510 -7.57 28.44 -9.99
CA TYR B 510 -7.71 29.18 -11.25
C TYR B 510 -6.60 28.76 -12.23
N GLN B 511 -5.43 28.34 -11.70
CA GLN B 511 -4.23 27.99 -12.46
C GLN B 511 -4.16 26.55 -12.97
N THR B 512 -4.54 25.58 -12.12
CA THR B 512 -4.44 24.15 -12.41
C THR B 512 -5.27 23.61 -13.59
N GLU B 513 -4.62 22.73 -14.39
CA GLU B 513 -5.16 21.99 -15.55
C GLU B 513 -6.02 20.83 -15.05
N ASN B 514 -5.67 20.33 -13.85
CA ASN B 514 -6.31 19.21 -13.19
C ASN B 514 -7.64 19.61 -12.59
N ALA B 515 -8.68 18.88 -13.01
CA ALA B 515 -10.05 19.12 -12.57
C ALA B 515 -10.26 18.78 -11.11
N LEU B 516 -9.63 17.69 -10.63
CA LEU B 516 -9.73 17.24 -9.26
C LEU B 516 -9.01 18.22 -8.36
N TRP B 517 -7.84 18.72 -8.81
CA TRP B 517 -7.08 19.69 -8.05
C TRP B 517 -7.89 20.98 -7.95
N ARG B 518 -8.59 21.34 -9.05
CA ARG B 518 -9.46 22.52 -9.05
C ARG B 518 -10.63 22.38 -8.06
N ASN B 519 -11.28 21.21 -8.05
CA ASN B 519 -12.38 20.93 -7.12
C ASN B 519 -11.90 20.96 -5.67
N MET B 520 -10.69 20.44 -5.39
CA MET B 520 -10.12 20.38 -4.04
C MET B 520 -9.79 21.77 -3.50
N TYR B 521 -8.93 22.53 -4.20
CA TYR B 521 -8.54 23.87 -3.78
C TYR B 521 -9.78 24.73 -3.56
N MET B 522 -10.74 24.66 -4.50
CA MET B 522 -12.02 25.39 -4.42
C MET B 522 -12.86 25.00 -3.16
N THR B 523 -12.96 23.69 -2.85
CA THR B 523 -13.70 23.20 -1.68
C THR B 523 -12.96 23.70 -0.44
N GLY B 524 -11.64 23.70 -0.53
CA GLY B 524 -10.72 24.17 0.49
C GLY B 524 -10.91 25.64 0.79
N ALA B 525 -10.89 26.49 -0.27
CA ALA B 525 -11.07 27.94 -0.16
C ALA B 525 -12.43 28.31 0.46
N MET B 526 -13.51 27.62 0.05
CA MET B 526 -14.86 27.81 0.57
C MET B 526 -14.93 27.54 2.07
N GLU B 527 -14.53 26.33 2.52
CA GLU B 527 -14.59 25.94 3.93
C GLU B 527 -13.69 26.78 4.82
N LEU B 528 -12.56 27.27 4.28
CA LEU B 528 -11.64 28.11 5.05
C LEU B 528 -12.33 29.42 5.36
N ARG B 529 -13.08 29.95 4.39
CA ARG B 529 -13.83 31.18 4.51
C ARG B 529 -15.07 31.01 5.38
N HIS B 530 -15.83 29.92 5.16
CA HIS B 530 -17.09 29.68 5.86
C HIS B 530 -17.04 28.43 6.76
N GLY B 531 -17.15 27.25 6.18
CA GLY B 531 -17.09 26.00 6.93
C GLY B 531 -17.91 24.91 6.31
N VAL B 532 -18.10 23.81 7.06
CA VAL B 532 -18.88 22.66 6.61
C VAL B 532 -20.40 22.86 6.95
N PRO B 533 -21.33 22.77 5.95
CA PRO B 533 -22.76 23.03 6.24
C PRO B 533 -23.56 21.90 6.93
N THR B 534 -24.68 21.47 6.30
CA THR B 534 -25.55 20.35 6.76
C THR B 534 -26.11 19.60 5.53
N TYR B 535 -25.50 18.42 5.20
CA TYR B 535 -25.75 17.60 4.01
C TYR B 535 -25.00 16.22 4.01
N ASP B 536 -25.58 15.24 3.23
CA ASP B 536 -25.13 13.87 2.95
C ASP B 536 -26.04 13.22 1.85
N SER B 537 -25.41 12.72 0.74
CA SER B 537 -26.05 12.02 -0.40
C SER B 537 -26.10 10.50 -0.16
N ARG B 538 -25.12 9.95 0.59
CA ARG B 538 -25.03 8.53 0.97
C ARG B 538 -26.03 8.15 2.09
N GLY B 539 -26.85 9.13 2.48
CA GLY B 539 -27.91 9.01 3.48
C GLY B 539 -29.13 8.30 2.94
N LYS B 540 -29.40 8.49 1.63
CA LYS B 540 -30.48 7.82 0.93
C LYS B 540 -29.97 6.45 0.44
N SER B 541 -28.62 6.25 0.43
CA SER B 541 -27.93 5.02 0.03
C SER B 541 -28.01 3.92 1.07
N GLU B 542 -28.65 2.80 0.68
CA GLU B 542 -28.82 1.58 1.46
C GLU B 542 -27.86 0.55 0.87
N MET B 543 -26.55 0.88 0.92
CA MET B 543 -25.47 0.01 0.45
C MET B 543 -25.36 -1.26 1.33
N GLY B 544 -25.41 -1.03 2.65
CA GLY B 544 -25.31 -2.00 3.73
C GLY B 544 -26.32 -3.13 3.79
N ARG B 545 -27.40 -3.08 3.01
CA ARG B 545 -28.43 -4.13 3.04
C ARG B 545 -27.97 -5.44 2.37
N ALA B 546 -27.06 -5.33 1.39
CA ALA B 546 -26.48 -6.45 0.63
C ALA B 546 -25.44 -7.31 1.39
N LEU B 547 -25.19 -6.96 2.67
CA LEU B 547 -24.02 -7.41 3.41
C LEU B 547 -24.27 -8.70 4.16
N THR B 548 -23.29 -9.60 4.10
CA THR B 548 -23.27 -10.87 4.83
C THR B 548 -22.99 -10.57 6.31
N PRO B 549 -23.37 -11.47 7.25
CA PRO B 549 -23.07 -11.20 8.67
C PRO B 549 -21.61 -10.85 8.94
N ASP B 550 -20.65 -11.62 8.36
CA ASP B 550 -19.20 -11.42 8.49
C ASP B 550 -18.76 -10.02 8.05
N MET B 551 -19.36 -9.51 6.98
CA MET B 551 -19.07 -8.18 6.46
C MET B 551 -19.59 -7.14 7.43
N PHE B 552 -20.80 -7.37 7.94
CA PHE B 552 -21.44 -6.50 8.92
C PHE B 552 -20.63 -6.50 10.24
N PHE B 553 -20.10 -7.67 10.66
CA PHE B 553 -19.33 -7.71 11.91
C PHE B 553 -17.95 -7.02 11.82
N ASP B 554 -17.36 -7.01 10.60
CA ASP B 554 -16.10 -6.32 10.29
C ASP B 554 -16.30 -4.80 10.44
N LEU B 555 -17.50 -4.33 10.11
CA LEU B 555 -17.96 -2.95 10.27
C LEU B 555 -18.05 -2.63 11.74
N LEU B 556 -18.59 -3.58 12.55
CA LEU B 556 -18.73 -3.41 13.99
C LEU B 556 -17.38 -3.38 14.69
N ALA B 557 -16.38 -4.18 14.21
CA ALA B 557 -15.00 -4.22 14.74
C ALA B 557 -14.31 -2.87 14.54
N ILE B 558 -14.74 -2.11 13.49
CA ILE B 558 -14.30 -0.77 13.08
C ILE B 558 -15.09 0.30 13.86
N ARG B 559 -16.40 0.08 14.07
CA ARG B 559 -17.29 0.97 14.82
C ARG B 559 -17.02 0.91 16.33
N LEU B 560 -16.58 -0.25 16.83
CA LEU B 560 -16.26 -0.44 18.23
C LEU B 560 -15.26 0.61 18.72
N ASP B 561 -15.60 1.25 19.85
CA ASP B 561 -14.81 2.29 20.49
C ASP B 561 -13.94 1.63 21.54
N THR B 562 -12.66 1.36 21.15
CA THR B 562 -11.62 0.74 21.95
C THR B 562 -11.54 1.33 23.37
N ASP B 563 -11.57 2.67 23.49
CA ASP B 563 -11.49 3.35 24.78
C ASP B 563 -12.58 2.98 25.80
N LYS B 564 -13.86 3.01 25.38
CA LYS B 564 -14.95 2.63 26.28
C LYS B 564 -15.10 1.11 26.40
N ALA B 565 -14.76 0.36 25.34
CA ALA B 565 -14.83 -1.10 25.29
C ALA B 565 -13.82 -1.84 26.16
N VAL B 566 -12.77 -1.16 26.62
CA VAL B 566 -11.75 -1.71 27.51
C VAL B 566 -12.41 -2.03 28.85
N GLY B 567 -12.21 -3.28 29.30
CA GLY B 567 -12.77 -3.81 30.54
C GLY B 567 -14.18 -4.36 30.37
N HIS B 568 -14.62 -4.55 29.13
CA HIS B 568 -15.93 -5.10 28.81
C HIS B 568 -15.81 -6.42 28.00
N ASP B 569 -14.68 -7.16 28.21
CA ASP B 569 -14.39 -8.42 27.56
C ASP B 569 -15.53 -9.37 27.71
N MET B 570 -15.89 -10.04 26.61
CA MET B 570 -17.00 -10.96 26.45
C MET B 570 -16.88 -11.72 25.13
N THR B 571 -17.67 -12.78 25.00
CA THR B 571 -17.77 -13.60 23.78
C THR B 571 -19.24 -13.71 23.43
N LEU B 572 -19.58 -13.56 22.16
CA LEU B 572 -20.95 -13.57 21.69
C LEU B 572 -21.09 -14.51 20.50
N ASN B 573 -21.82 -15.62 20.67
CA ASN B 573 -22.16 -16.53 19.57
C ASN B 573 -23.37 -15.94 18.87
N TRP B 574 -23.39 -16.05 17.54
CA TRP B 574 -24.46 -15.56 16.68
C TRP B 574 -24.85 -16.72 15.78
N VAL B 575 -26.16 -17.02 15.71
CA VAL B 575 -26.67 -18.12 14.91
C VAL B 575 -27.78 -17.65 14.02
N PHE B 576 -27.59 -17.84 12.71
CA PHE B 576 -28.52 -17.41 11.69
C PHE B 576 -29.20 -18.62 11.05
N GLU B 577 -30.41 -18.94 11.54
CA GLU B 577 -31.23 -20.09 11.13
C GLU B 577 -31.55 -20.13 9.63
N ASP B 578 -31.86 -18.97 9.04
CA ASP B 578 -32.16 -18.84 7.62
C ASP B 578 -30.91 -19.05 6.72
N LEU B 579 -29.70 -18.83 7.30
CA LEU B 579 -28.42 -18.94 6.61
C LEU B 579 -27.65 -20.20 6.93
N LYS B 580 -28.08 -20.95 7.97
CA LYS B 580 -27.40 -22.14 8.51
C LYS B 580 -25.90 -21.84 8.79
N GLN B 581 -25.64 -20.59 9.25
CA GLN B 581 -24.31 -20.06 9.53
C GLN B 581 -24.15 -19.60 10.98
N ASP B 582 -23.07 -20.07 11.61
CA ASP B 582 -22.72 -19.77 12.99
C ASP B 582 -21.46 -18.91 13.02
N ILE B 583 -21.51 -17.81 13.77
CA ILE B 583 -20.37 -16.92 13.87
C ILE B 583 -20.06 -16.62 15.32
N ALA B 584 -18.79 -16.79 15.73
CA ALA B 584 -18.35 -16.58 17.10
C ALA B 584 -17.52 -15.30 17.30
N LEU B 585 -18.18 -14.24 17.86
CA LEU B 585 -17.51 -12.97 18.17
C LEU B 585 -16.77 -13.12 19.48
N THR B 586 -15.71 -12.31 19.63
CA THR B 586 -14.89 -12.21 20.83
C THR B 586 -14.42 -10.78 20.98
N LEU B 587 -14.66 -10.18 22.17
CA LEU B 587 -14.28 -8.80 22.50
C LEU B 587 -13.25 -8.88 23.59
N ARG B 588 -12.03 -8.52 23.27
CA ARG B 588 -10.91 -8.61 24.21
C ARG B 588 -10.03 -7.40 24.03
N ASN B 589 -9.69 -6.74 25.15
CA ASN B 589 -8.84 -5.55 25.20
C ASN B 589 -9.37 -4.46 24.28
N GLY B 590 -10.69 -4.33 24.20
CA GLY B 590 -11.39 -3.35 23.36
C GLY B 590 -11.22 -3.55 21.86
N VAL B 591 -10.90 -4.80 21.46
CA VAL B 591 -10.66 -5.29 20.10
C VAL B 591 -11.67 -6.42 19.80
N LEU B 592 -12.41 -6.26 18.71
CA LEU B 592 -13.38 -7.26 18.30
C LEU B 592 -12.81 -8.10 17.17
N THR B 593 -12.81 -9.42 17.35
CA THR B 593 -12.35 -10.42 16.37
C THR B 593 -13.52 -11.42 16.15
N GLN B 594 -13.52 -12.16 15.02
CA GLN B 594 -14.58 -13.09 14.70
C GLN B 594 -14.08 -14.35 14.02
N ARG B 595 -14.87 -15.43 14.14
CA ARG B 595 -14.60 -16.74 13.56
C ARG B 595 -15.87 -17.20 12.88
N VAL B 596 -15.88 -17.18 11.52
CA VAL B 596 -17.00 -17.62 10.70
C VAL B 596 -16.99 -19.15 10.69
N GLY B 597 -18.17 -19.74 10.91
CA GLY B 597 -18.34 -21.20 10.94
C GLY B 597 -18.03 -21.84 12.28
N SER B 598 -17.71 -21.03 13.29
CA SER B 598 -17.37 -21.52 14.61
C SER B 598 -18.46 -21.11 15.62
N LEU B 599 -18.39 -21.71 16.82
CA LEU B 599 -19.22 -21.41 17.99
C LEU B 599 -18.35 -21.62 19.21
N ASN B 600 -18.21 -20.57 20.06
CA ASN B 600 -17.42 -20.70 21.28
C ASN B 600 -18.21 -21.56 22.28
N PRO B 601 -17.61 -22.62 22.83
CA PRO B 601 -18.38 -23.48 23.76
C PRO B 601 -18.72 -22.81 25.08
N LYS B 602 -17.91 -21.84 25.52
CA LYS B 602 -18.12 -21.13 26.77
C LYS B 602 -18.51 -19.66 26.51
N ALA B 603 -19.38 -19.42 25.51
CA ALA B 603 -19.79 -18.06 25.18
C ALA B 603 -20.74 -17.45 26.21
N ASP B 604 -20.52 -16.17 26.54
CA ASP B 604 -21.31 -15.41 27.51
C ASP B 604 -22.77 -15.26 27.10
N VAL B 605 -23.02 -15.05 25.79
CA VAL B 605 -24.34 -14.87 25.19
C VAL B 605 -24.40 -15.58 23.84
N THR B 606 -25.62 -16.00 23.42
CA THR B 606 -25.88 -16.66 22.14
C THR B 606 -27.05 -15.94 21.51
N VAL B 607 -26.88 -15.46 20.28
CA VAL B 607 -27.87 -14.64 19.59
C VAL B 607 -28.47 -15.35 18.37
N LYS B 608 -29.67 -15.92 18.53
CA LYS B 608 -30.42 -16.59 17.46
C LYS B 608 -31.34 -15.56 16.79
N LEU B 609 -31.19 -15.39 15.47
CA LEU B 609 -31.95 -14.44 14.64
C LEU B 609 -31.77 -14.85 13.19
N THR B 610 -32.37 -14.07 12.27
CA THR B 610 -32.25 -14.28 10.84
C THR B 610 -31.57 -13.08 10.20
N LYS B 611 -31.01 -13.24 8.96
CA LYS B 611 -30.38 -12.13 8.25
C LYS B 611 -31.39 -10.97 8.03
N PRO B 612 -32.65 -11.21 7.54
CA PRO B 612 -33.59 -10.07 7.40
C PRO B 612 -33.83 -9.29 8.70
N THR B 613 -33.83 -9.97 9.89
CA THR B 613 -33.98 -9.29 11.20
C THR B 613 -32.71 -8.52 11.54
N LEU B 614 -31.52 -9.13 11.31
CA LEU B 614 -30.22 -8.48 11.54
C LEU B 614 -30.16 -7.21 10.72
N ASP B 615 -30.62 -7.29 9.45
CA ASP B 615 -30.68 -6.20 8.49
C ASP B 615 -31.52 -5.04 9.02
N GLN B 616 -32.69 -5.34 9.63
CA GLN B 616 -33.60 -4.35 10.21
C GLN B 616 -32.96 -3.59 11.38
N ILE B 617 -32.17 -4.30 12.23
CA ILE B 617 -31.44 -3.71 13.37
C ILE B 617 -30.27 -2.87 12.84
N ALA B 618 -29.60 -3.36 11.77
CA ALA B 618 -28.50 -2.67 11.11
C ALA B 618 -28.99 -1.36 10.48
N ALA B 619 -30.14 -1.41 9.77
CA ALA B 619 -30.78 -0.26 9.11
C ALA B 619 -31.36 0.73 10.12
N ARG B 620 -31.37 0.36 11.41
CA ARG B 620 -31.86 1.13 12.56
C ARG B 620 -33.37 1.42 12.51
N LYS B 621 -34.09 0.56 11.76
CA LYS B 621 -35.55 0.60 11.64
C LYS B 621 -36.13 -0.12 12.88
N LEU B 622 -35.55 -1.31 13.24
CA LEU B 622 -35.87 -2.16 14.39
C LEU B 622 -34.84 -1.95 15.52
N ASP B 623 -35.37 -1.83 16.75
CA ASP B 623 -34.63 -1.61 17.99
C ASP B 623 -34.28 -2.96 18.64
N LEU B 624 -33.17 -3.01 19.43
CA LEU B 624 -32.75 -4.23 20.12
C LEU B 624 -33.79 -4.75 21.16
N PRO B 625 -34.18 -4.03 22.25
CA PRO B 625 -35.18 -4.61 23.16
C PRO B 625 -36.55 -4.87 22.54
N THR B 626 -36.95 -4.07 21.52
CA THR B 626 -38.18 -4.22 20.72
C THR B 626 -38.15 -5.61 20.04
N ALA B 627 -36.97 -6.00 19.48
CA ALA B 627 -36.73 -7.27 18.81
C ALA B 627 -36.75 -8.43 19.78
N ILE B 628 -36.14 -8.25 20.99
CA ILE B 628 -36.10 -9.25 22.08
C ILE B 628 -37.53 -9.62 22.48
N LYS B 629 -38.38 -8.59 22.75
CA LYS B 629 -39.77 -8.78 23.15
C LYS B 629 -40.60 -9.41 22.06
N GLN B 630 -40.45 -8.94 20.80
CA GLN B 630 -41.10 -9.46 19.59
C GLN B 630 -40.88 -10.99 19.41
N GLY B 631 -39.71 -11.49 19.81
CA GLY B 631 -39.32 -12.89 19.68
C GLY B 631 -38.34 -13.13 18.52
N THR B 632 -38.11 -12.10 17.66
CA THR B 632 -37.22 -12.12 16.48
C THR B 632 -35.73 -12.25 16.84
N VAL B 633 -35.40 -11.97 18.11
CA VAL B 633 -34.06 -12.11 18.66
C VAL B 633 -34.16 -12.91 19.96
N LYS B 634 -33.82 -14.21 19.90
CA LYS B 634 -33.83 -15.08 21.06
C LYS B 634 -32.43 -15.16 21.65
N LEU B 635 -32.31 -15.04 22.98
CA LEU B 635 -31.03 -15.05 23.65
C LEU B 635 -30.85 -16.16 24.67
N ASP B 636 -29.64 -16.74 24.69
CA ASP B 636 -29.23 -17.75 25.65
C ASP B 636 -28.01 -17.20 26.35
N GLY B 637 -27.90 -17.53 27.62
CA GLY B 637 -26.83 -17.01 28.48
C GLY B 637 -27.09 -15.59 28.94
N ASP B 638 -26.00 -14.83 29.23
CA ASP B 638 -26.05 -13.46 29.73
C ASP B 638 -26.59 -12.46 28.68
N GLY B 639 -27.91 -12.42 28.53
CA GLY B 639 -28.61 -11.52 27.59
C GLY B 639 -28.25 -10.05 27.71
N LYS B 640 -27.83 -9.63 28.90
CA LYS B 640 -27.42 -8.29 29.19
C LYS B 640 -26.22 -7.82 28.32
N LYS B 641 -25.33 -8.78 27.94
CA LYS B 641 -24.10 -8.53 27.17
C LYS B 641 -24.33 -8.05 25.73
N LEU B 642 -25.52 -8.29 25.14
CA LEU B 642 -25.78 -7.82 23.77
C LEU B 642 -25.96 -6.32 23.74
N GLY B 643 -26.85 -5.83 24.61
CA GLY B 643 -27.12 -4.40 24.72
C GLY B 643 -25.89 -3.63 25.11
N GLU B 644 -25.04 -4.26 25.97
CA GLU B 644 -23.75 -3.78 26.46
C GLU B 644 -22.84 -3.61 25.23
N PHE B 645 -22.72 -4.67 24.42
CA PHE B 645 -21.90 -4.66 23.21
C PHE B 645 -22.29 -3.55 22.27
N PHE B 646 -23.59 -3.38 21.97
CA PHE B 646 -24.14 -2.34 21.10
C PHE B 646 -23.95 -0.91 21.62
N GLY B 647 -23.76 -0.78 22.92
CA GLY B 647 -23.54 0.50 23.58
C GLY B 647 -22.12 1.00 23.44
N LEU B 648 -21.21 0.11 22.97
CA LEU B 648 -19.79 0.39 22.77
C LEU B 648 -19.47 0.72 21.30
N LEU B 649 -20.50 0.78 20.47
CA LEU B 649 -20.42 1.05 19.05
C LEU B 649 -20.56 2.52 18.74
N ASP B 650 -19.54 3.10 18.09
CA ASP B 650 -19.58 4.51 17.67
C ASP B 650 -20.45 4.63 16.41
N SER B 651 -20.80 5.87 16.06
CA SER B 651 -21.48 6.24 14.82
C SER B 651 -20.66 7.34 14.15
N PHE B 652 -20.44 7.20 12.85
CA PHE B 652 -19.59 8.14 12.14
C PHE B 652 -20.38 9.10 11.33
N SER B 653 -19.96 10.36 11.38
CA SER B 653 -20.58 11.42 10.60
C SER B 653 -19.60 11.86 9.51
N PRO B 654 -20.01 11.80 8.21
CA PRO B 654 -19.09 12.19 7.15
C PRO B 654 -19.13 13.70 6.88
N LYS B 655 -18.83 14.51 7.91
CA LYS B 655 -18.73 15.97 7.83
C LYS B 655 -17.69 16.58 8.76
N PHE B 656 -16.55 15.89 8.88
CA PHE B 656 -15.43 16.35 9.71
C PHE B 656 -14.62 17.44 9.03
N ASN B 657 -13.80 18.19 9.80
CA ASN B 657 -12.95 19.24 9.21
C ASN B 657 -11.81 18.61 8.44
N ILE B 658 -11.44 19.24 7.34
CA ILE B 658 -10.33 18.79 6.51
C ILE B 658 -9.22 19.83 6.53
N VAL B 659 -9.58 21.10 6.31
CA VAL B 659 -8.64 22.24 6.28
C VAL B 659 -8.61 22.99 7.64
N GLU B 660 -8.97 22.29 8.77
CA GLU B 660 -9.11 22.90 10.09
C GLU B 660 -8.72 22.14 11.38
N LEU B 661 -9.50 21.13 11.87
CA LEU B 661 -9.21 20.51 13.21
C LEU B 661 -10.28 19.60 13.86
N GLU B 662 -10.95 18.74 13.07
CA GLU B 662 -12.00 17.79 13.46
C GLU B 662 -12.84 18.09 14.74
ZN ZN C . 12.64 -14.02 9.61
ZN ZN D . 10.11 -13.31 7.63
ZN ZN E . -15.95 4.99 -13.25
ZN ZN F . -13.75 3.03 -11.89
S SO4 G . -10.97 7.44 -8.96
O1 SO4 G . -9.58 7.15 -9.33
O2 SO4 G . -10.96 8.81 -8.39
O3 SO4 G . -11.88 7.29 -10.11
O4 SO4 G . -11.45 6.49 -7.97
#